data_6CFM
#
_entry.id   6CFM
#
_cell.length_a   91.618
_cell.length_b   96.839
_cell.length_c   192.318
_cell.angle_alpha   90.00
_cell.angle_beta   90.00
_cell.angle_gamma   90.00
#
_symmetry.space_group_name_H-M   'P 21 21 21'
#
loop_
_entity.id
_entity.type
_entity.pdbx_description
1 polymer 'Serine/threonine-protein kinase VRK1'
2 non-polymer 'CHLORIDE ION'
3 non-polymer (7R)-2-[(3,5-difluoro-4-hydroxyphenyl)amino]-7,8-dimethyl-5-(prop-2-yn-1-yl)-7,8-dihydropteridin-6(5H)-one
4 non-polymer GLYCEROL
5 water water
#
_entity_poly.entity_id   1
_entity_poly.type   'polypeptide(L)'
_entity_poly.pdbx_seq_one_letter_code
;SMRVKAAQAGRQSSAKRHLAEQFAVGEIITDMAAAAWKVGLPIGQGGFGCIYLADMNSSESVGSDAPCVVKVEPSDNGPL
FTELKFYQRAAKPEQIQKWIRTRKLKYLGVPKYWGSGLHDKNGKSYRFMIMDRFGSDLQKIYEANAKRFSRKTVLQLSLR
ILDILEYIHEHEYVHGDIKASNLLLNYKNPDQVYLVDYGLAYRYCPEGVHKAYAADPKRCHDGTIEFTSIDAHNGVAPSR
RGDLEILGYCMIQWLTGHLPWEDNLKDPKYVRDSKIRYRENIASLMDKCFPAANAPGEIAKYMETVKLLDYTEKPLYENL
RDILLQGLKAIGSKDDGKLDLSVVENGGLKAKTITKKRAAEIEE
;
_entity_poly.pdbx_strand_id   A,B,C,D
#
# COMPACT_ATOMS: atom_id res chain seq x y z
N GLU A 21 0.60 -36.24 46.61
CA GLU A 21 1.92 -35.58 46.83
C GLU A 21 2.86 -35.83 45.66
N GLN A 22 2.99 -34.84 44.79
CA GLN A 22 3.80 -34.97 43.58
C GLN A 22 5.30 -34.89 43.87
N PHE A 23 5.68 -34.22 44.97
CA PHE A 23 7.08 -34.05 45.35
C PHE A 23 7.33 -34.47 46.77
N ALA A 24 8.55 -34.94 47.01
CA ALA A 24 9.08 -35.05 48.35
C ALA A 24 9.55 -33.65 48.74
N VAL A 25 9.08 -33.13 49.87
CA VAL A 25 9.39 -31.75 50.27
C VAL A 25 10.90 -31.61 50.43
N GLY A 26 11.44 -30.48 49.96
CA GLY A 26 12.88 -30.26 49.97
C GLY A 26 13.72 -31.03 48.95
N GLU A 27 13.13 -31.85 48.08
CA GLU A 27 13.93 -32.61 47.11
C GLU A 27 14.46 -31.68 46.00
N ILE A 28 15.48 -32.15 45.28
CA ILE A 28 16.08 -31.40 44.19
C ILE A 28 15.50 -31.93 42.87
N ILE A 29 15.01 -31.01 42.04
CA ILE A 29 14.52 -31.37 40.71
C ILE A 29 15.34 -30.63 39.64
N THR A 30 15.48 -31.29 38.50
CA THR A 30 16.35 -30.86 37.43
C THR A 30 15.46 -30.68 36.23
N ASP A 31 15.38 -29.46 35.71
CA ASP A 31 14.59 -29.17 34.50
C ASP A 31 15.33 -29.67 33.26
N MET A 32 14.70 -29.56 32.11
CA MET A 32 15.25 -30.13 30.88
C MET A 32 16.46 -29.40 30.30
N ALA A 33 16.71 -28.19 30.78
CA ALA A 33 17.98 -27.48 30.50
C ALA A 33 19.08 -27.81 31.54
N ALA A 34 18.85 -28.79 32.41
CA ALA A 34 19.78 -29.18 33.50
C ALA A 34 19.94 -28.17 34.67
N ALA A 35 19.06 -27.19 34.81
CA ALA A 35 19.11 -26.29 35.96
C ALA A 35 18.42 -26.95 37.15
N ALA A 36 19.09 -26.91 38.31
CA ALA A 36 18.59 -27.54 39.53
C ALA A 36 17.77 -26.57 40.39
N TRP A 37 16.70 -27.10 40.98
CA TRP A 37 15.81 -26.35 41.87
C TRP A 37 15.49 -27.20 43.11
N LYS A 38 15.21 -26.55 44.24
CA LYS A 38 14.69 -27.25 45.43
C LYS A 38 13.20 -26.94 45.54
N VAL A 39 12.38 -27.94 45.90
CA VAL A 39 10.93 -27.77 46.03
C VAL A 39 10.55 -27.56 47.49
N GLY A 40 9.57 -26.68 47.73
CA GLY A 40 9.21 -26.24 49.07
C GLY A 40 7.76 -26.53 49.38
N LEU A 41 7.25 -25.83 50.40
CA LEU A 41 5.85 -25.99 50.83
C LEU A 41 4.88 -25.41 49.79
N PRO A 42 3.60 -25.84 49.84
CA PRO A 42 2.62 -25.27 48.92
C PRO A 42 2.18 -23.86 49.36
N ILE A 43 1.77 -23.03 48.41
CA ILE A 43 1.31 -21.66 48.72
C ILE A 43 -0.18 -21.61 49.11
N GLY A 44 -0.51 -20.70 50.04
CA GLY A 44 -1.89 -20.45 50.53
C GLY A 44 -2.98 -21.49 50.26
N CYS A 50 -1.88 -27.04 43.21
CA CYS A 50 -0.59 -27.73 43.12
C CYS A 50 0.50 -26.76 42.66
N ILE A 51 0.77 -25.80 43.52
CA ILE A 51 1.78 -24.78 43.30
C ILE A 51 2.62 -24.71 44.57
N TYR A 52 3.92 -24.97 44.43
CA TYR A 52 4.83 -25.03 45.56
C TYR A 52 5.90 -23.96 45.44
N LEU A 53 6.38 -23.51 46.60
CA LEU A 53 7.51 -22.62 46.63
C LEU A 53 8.74 -23.35 46.07
N ALA A 54 9.64 -22.60 45.46
CA ALA A 54 10.83 -23.13 44.82
C ALA A 54 11.97 -22.12 44.86
N ASP A 55 13.19 -22.63 44.82
CA ASP A 55 14.36 -21.79 44.70
C ASP A 55 15.43 -22.59 43.97
N MET A 56 16.52 -21.91 43.65
CA MET A 56 17.72 -22.54 43.13
C MET A 56 18.28 -23.59 44.10
N ASN A 57 19.00 -24.58 43.54
CA ASN A 57 19.63 -25.62 44.34
C ASN A 57 20.81 -25.07 45.14
N SER A 58 20.80 -25.41 46.42
CA SER A 58 21.79 -24.94 47.40
C SER A 58 21.65 -25.82 48.65
N SER A 59 22.56 -25.68 49.61
CA SER A 59 22.44 -26.40 50.88
C SER A 59 21.35 -25.79 51.81
N GLU A 60 21.02 -24.50 51.62
CA GLU A 60 19.87 -23.88 52.30
C GLU A 60 18.56 -24.50 51.80
N SER A 61 17.54 -24.57 52.66
CA SER A 61 16.21 -25.09 52.27
C SER A 61 15.37 -23.95 51.69
N VAL A 62 14.22 -24.31 51.13
CA VAL A 62 13.31 -23.33 50.52
C VAL A 62 12.47 -22.73 51.63
N GLY A 63 12.52 -21.42 51.77
CA GLY A 63 11.79 -20.70 52.84
C GLY A 63 10.53 -19.97 52.41
N SER A 64 9.91 -19.29 53.37
CA SER A 64 8.71 -18.47 53.14
C SER A 64 8.93 -17.38 52.10
N ASP A 65 10.15 -16.84 52.03
CA ASP A 65 10.48 -15.74 51.09
C ASP A 65 11.08 -16.23 49.74
N ALA A 66 10.71 -17.44 49.32
CA ALA A 66 11.22 -18.05 48.10
C ALA A 66 10.87 -17.19 46.90
N PRO A 67 11.79 -17.09 45.94
CA PRO A 67 11.58 -16.21 44.81
C PRO A 67 10.82 -16.83 43.61
N CYS A 68 10.61 -18.15 43.61
CA CYS A 68 9.92 -18.85 42.54
C CYS A 68 8.79 -19.72 43.06
N VAL A 69 7.98 -20.20 42.12
CA VAL A 69 7.03 -21.26 42.40
C VAL A 69 7.23 -22.35 41.36
N VAL A 70 6.80 -23.57 41.68
CA VAL A 70 6.76 -24.66 40.73
C VAL A 70 5.32 -25.14 40.63
N LYS A 71 4.77 -25.09 39.41
CA LYS A 71 3.43 -25.57 39.14
C LYS A 71 3.58 -26.98 38.62
N VAL A 72 2.78 -27.91 39.15
CA VAL A 72 2.81 -29.29 38.68
C VAL A 72 1.38 -29.82 38.43
N GLU A 73 1.22 -30.57 37.35
CA GLU A 73 -0.06 -31.15 36.94
C GLU A 73 0.25 -32.45 36.20
N PRO A 74 -0.75 -33.36 36.10
CA PRO A 74 -0.61 -34.49 35.18
C PRO A 74 -0.16 -34.04 33.78
N SER A 75 0.70 -34.81 33.14
CA SER A 75 1.23 -34.41 31.84
C SER A 75 0.13 -34.33 30.76
N ASP A 76 -0.96 -35.09 30.94
CA ASP A 76 -2.15 -34.97 30.08
C ASP A 76 -3.08 -33.74 30.34
N ASN A 77 -2.77 -32.93 31.36
CA ASN A 77 -3.47 -31.66 31.58
C ASN A 77 -3.19 -30.68 30.42
N GLY A 78 -4.24 -30.36 29.66
CA GLY A 78 -4.14 -29.47 28.50
C GLY A 78 -3.80 -28.01 28.81
N PRO A 79 -4.46 -27.41 29.83
CA PRO A 79 -4.15 -26.02 30.23
C PRO A 79 -2.69 -25.74 30.59
N LEU A 80 -2.04 -26.62 31.34
CA LEU A 80 -0.65 -26.40 31.72
C LEU A 80 0.27 -26.47 30.51
N PHE A 81 -0.04 -27.36 29.57
CA PHE A 81 0.71 -27.38 28.31
C PHE A 81 0.53 -26.06 27.53
N THR A 82 -0.69 -25.55 27.47
CA THR A 82 -0.97 -24.29 26.77
C THR A 82 -0.24 -23.13 27.45
N GLU A 83 -0.34 -23.07 28.78
CA GLU A 83 0.34 -22.05 29.57
C GLU A 83 1.87 -22.16 29.43
N LEU A 84 2.38 -23.38 29.54
CA LEU A 84 3.80 -23.63 29.34
C LEU A 84 4.31 -23.12 27.99
N LYS A 85 3.59 -23.45 26.90
CA LYS A 85 3.99 -23.02 25.57
C LYS A 85 4.02 -21.49 25.44
N PHE A 86 3.05 -20.81 26.04
CA PHE A 86 3.06 -19.35 26.04
C PHE A 86 4.32 -18.84 26.71
N TYR A 87 4.58 -19.31 27.93
CA TYR A 87 5.75 -18.87 28.70
C TYR A 87 7.07 -19.17 27.97
N GLN A 88 7.18 -20.37 27.40
CA GLN A 88 8.32 -20.70 26.53
C GLN A 88 8.52 -19.73 25.36
N ARG A 89 7.42 -19.31 24.75
CA ARG A 89 7.45 -18.47 23.54
C ARG A 89 7.61 -16.98 23.81
N ALA A 90 6.94 -16.48 24.85
CA ALA A 90 6.83 -15.03 25.11
C ALA A 90 7.39 -14.57 26.46
N ALA A 91 7.80 -15.49 27.33
CA ALA A 91 8.22 -15.10 28.66
C ALA A 91 9.64 -15.54 29.06
N LYS A 92 10.54 -15.63 28.07
CA LYS A 92 11.94 -15.94 28.37
C LYS A 92 12.56 -14.71 29.07
N PRO A 93 13.35 -14.91 30.14
CA PRO A 93 13.78 -13.75 30.94
C PRO A 93 14.47 -12.60 30.16
N GLU A 94 15.38 -12.95 29.24
CA GLU A 94 16.09 -11.94 28.44
C GLU A 94 15.16 -11.33 27.39
N GLN A 95 14.18 -12.11 26.93
CA GLN A 95 13.16 -11.64 25.96
C GLN A 95 12.37 -10.46 26.54
N ILE A 96 11.94 -10.64 27.79
CA ILE A 96 11.22 -9.61 28.55
C ILE A 96 12.13 -8.40 28.84
N GLN A 97 13.32 -8.67 29.41
CA GLN A 97 14.29 -7.61 29.73
C GLN A 97 14.69 -6.78 28.51
N LYS A 98 14.83 -7.41 27.34
CA LYS A 98 15.12 -6.69 26.10
C LYS A 98 13.97 -5.73 25.72
N TRP A 99 12.73 -6.18 25.89
CA TRP A 99 11.54 -5.36 25.59
C TRP A 99 11.46 -4.15 26.52
N ILE A 100 11.68 -4.39 27.81
CA ILE A 100 11.71 -3.34 28.82
C ILE A 100 12.67 -2.20 28.45
N ARG A 101 13.86 -2.54 27.96
CA ARG A 101 14.89 -1.54 27.64
C ARG A 101 14.53 -0.77 26.37
N THR A 102 14.15 -1.48 25.31
CA THR A 102 13.85 -0.87 24.01
C THR A 102 12.56 -0.04 23.99
N ARG A 103 11.53 -0.46 24.73
CA ARG A 103 10.30 0.33 24.92
C ARG A 103 10.38 1.34 26.08
N LYS A 104 11.55 1.42 26.74
CA LYS A 104 11.84 2.41 27.77
C LYS A 104 10.86 2.34 28.95
N LEU A 105 10.65 1.13 29.47
CA LEU A 105 9.68 0.88 30.55
C LEU A 105 10.38 0.71 31.89
N LYS A 106 9.67 1.00 32.97
CA LYS A 106 10.20 0.71 34.31
C LYS A 106 10.23 -0.80 34.58
N TYR A 107 9.13 -1.49 34.27
CA TYR A 107 9.05 -2.96 34.36
C TYR A 107 8.06 -3.51 33.32
N LEU A 108 7.82 -4.82 33.32
CA LEU A 108 6.82 -5.44 32.44
C LEU A 108 6.12 -6.60 33.13
N GLY A 109 4.81 -6.51 33.29
CA GLY A 109 4.06 -7.43 34.13
C GLY A 109 3.71 -8.78 33.50
N VAL A 110 4.63 -9.36 32.73
CA VAL A 110 4.55 -10.76 32.31
C VAL A 110 5.47 -11.55 33.23
N PRO A 111 4.96 -12.59 33.90
CA PRO A 111 5.86 -13.36 34.76
C PRO A 111 6.96 -14.05 33.97
N LYS A 112 8.13 -14.22 34.58
CA LYS A 112 9.26 -14.86 33.93
C LYS A 112 9.24 -16.40 34.04
N TYR A 113 9.53 -17.04 32.91
CA TYR A 113 9.67 -18.50 32.78
C TYR A 113 11.09 -18.92 33.14
N TRP A 114 11.25 -19.79 34.12
CA TRP A 114 12.58 -20.23 34.55
C TRP A 114 12.99 -21.65 34.16
N GLY A 115 12.04 -22.47 33.75
CA GLY A 115 12.32 -23.84 33.36
C GLY A 115 11.11 -24.73 33.49
N SER A 116 11.23 -25.92 32.93
CA SER A 116 10.17 -26.90 32.98
C SER A 116 10.71 -28.30 32.72
N GLY A 117 9.91 -29.30 33.03
CA GLY A 117 10.31 -30.68 32.79
C GLY A 117 9.23 -31.69 33.02
N LEU A 118 9.61 -32.95 32.91
CA LEU A 118 8.72 -34.08 33.17
C LEU A 118 9.19 -34.76 34.43
N HIS A 119 8.24 -35.23 35.23
CA HIS A 119 8.51 -35.79 36.55
C HIS A 119 7.56 -36.97 36.75
N ASP A 120 8.12 -38.18 36.80
CA ASP A 120 7.33 -39.38 37.05
C ASP A 120 7.35 -39.70 38.55
N LYS A 121 6.18 -39.93 39.13
CA LYS A 121 6.09 -40.38 40.51
C LYS A 121 4.90 -41.30 40.68
N ASN A 122 5.12 -42.42 41.39
CA ASN A 122 4.09 -43.41 41.70
C ASN A 122 3.40 -43.95 40.43
N GLY A 123 4.20 -44.19 39.39
CA GLY A 123 3.72 -44.70 38.11
C GLY A 123 2.81 -43.77 37.32
N LYS A 124 2.89 -42.47 37.59
CA LYS A 124 2.13 -41.44 36.87
C LYS A 124 3.08 -40.34 36.38
N SER A 125 2.81 -39.75 35.22
CA SER A 125 3.66 -38.71 34.63
C SER A 125 3.14 -37.32 34.90
N TYR A 126 4.04 -36.44 35.34
CA TYR A 126 3.70 -35.06 35.69
C TYR A 126 4.55 -34.08 34.91
N ARG A 127 3.95 -32.94 34.57
CA ARG A 127 4.64 -31.85 33.90
C ARG A 127 4.83 -30.81 34.98
N PHE A 128 5.99 -30.18 35.03
CA PHE A 128 6.21 -29.08 35.98
C PHE A 128 6.80 -27.87 35.26
N MET A 129 6.58 -26.71 35.86
CA MET A 129 7.02 -25.44 35.30
C MET A 129 7.43 -24.50 36.43
N ILE A 130 8.60 -23.86 36.30
CA ILE A 130 9.14 -22.91 37.28
C ILE A 130 8.89 -21.48 36.78
N MET A 131 8.37 -20.64 37.67
CA MET A 131 7.88 -19.28 37.38
C MET A 131 8.21 -18.35 38.53
N ASP A 132 8.07 -17.04 38.30
CA ASP A 132 8.20 -16.06 39.38
C ASP A 132 7.16 -16.27 40.46
N ARG A 133 7.56 -15.97 41.69
CA ARG A 133 6.65 -15.90 42.82
C ARG A 133 6.24 -14.44 42.99
N PHE A 134 5.00 -14.24 43.44
CA PHE A 134 4.41 -12.91 43.63
C PHE A 134 3.76 -12.77 45.02
N GLY A 135 3.30 -11.57 45.36
CA GLY A 135 2.59 -11.30 46.62
C GLY A 135 1.10 -11.57 46.49
N SER A 136 0.29 -10.61 46.92
CA SER A 136 -1.16 -10.77 46.93
C SER A 136 -1.78 -10.49 45.56
N ASP A 137 -2.86 -11.20 45.24
CA ASP A 137 -3.73 -10.83 44.10
C ASP A 137 -4.53 -9.56 44.42
N LEU A 138 -4.92 -8.82 43.37
CA LEU A 138 -5.68 -7.58 43.53
C LEU A 138 -7.10 -7.79 44.04
N GLN A 139 -7.69 -8.95 43.78
CA GLN A 139 -9.06 -9.21 44.24
C GLN A 139 -9.16 -9.15 45.76
N LYS A 140 -8.18 -9.73 46.48
CA LYS A 140 -8.14 -9.65 47.95
C LYS A 140 -8.00 -8.20 48.44
N ILE A 141 -7.14 -7.44 47.79
CA ILE A 141 -6.90 -6.02 48.12
C ILE A 141 -8.12 -5.13 47.79
N TYR A 142 -8.74 -5.38 46.65
CA TYR A 142 -9.97 -4.74 46.22
C TYR A 142 -11.09 -4.97 47.23
N GLU A 143 -11.30 -6.23 47.63
CA GLU A 143 -12.26 -6.59 48.70
C GLU A 143 -11.91 -5.98 50.07
N ALA A 144 -10.61 -5.85 50.37
CA ALA A 144 -10.14 -5.15 51.59
C ALA A 144 -10.43 -3.63 51.60
N ASN A 145 -10.60 -3.03 50.42
CA ASN A 145 -11.05 -1.63 50.29
C ASN A 145 -12.57 -1.47 50.09
N ALA A 146 -13.35 -2.49 50.44
CA ALA A 146 -14.82 -2.47 50.22
C ALA A 146 -15.17 -2.26 48.74
N LYS A 147 -14.48 -3.00 47.87
CA LYS A 147 -14.73 -3.04 46.42
C LYS A 147 -14.66 -1.68 45.70
N ARG A 148 -13.68 -0.86 46.07
CA ARG A 148 -13.37 0.36 45.33
C ARG A 148 -11.87 0.52 45.26
N PHE A 149 -11.39 0.83 44.06
CA PHE A 149 -10.07 1.41 43.86
C PHE A 149 -10.28 2.82 43.37
N SER A 150 -9.42 3.73 43.82
CA SER A 150 -9.48 5.13 43.41
C SER A 150 -9.21 5.29 41.92
N ARG A 151 -9.50 6.48 41.41
CA ARG A 151 -9.29 6.79 39.99
C ARG A 151 -7.80 6.80 39.62
N LYS A 152 -6.98 7.28 40.56
CA LYS A 152 -5.50 7.18 40.47
C LYS A 152 -5.03 5.72 40.30
N THR A 153 -5.45 4.85 41.22
CA THR A 153 -5.12 3.42 41.16
C THR A 153 -5.58 2.79 39.84
N VAL A 154 -6.83 3.06 39.45
CA VAL A 154 -7.41 2.42 38.28
C VAL A 154 -6.70 2.84 36.99
N LEU A 155 -6.32 4.11 36.90
CA LEU A 155 -5.56 4.59 35.75
C LEU A 155 -4.13 4.04 35.73
N GLN A 156 -3.50 3.99 36.91
CA GLN A 156 -2.14 3.43 37.01
C GLN A 156 -2.10 1.93 36.73
N LEU A 157 -3.03 1.16 37.28
CA LEU A 157 -3.16 -0.28 36.95
C LEU A 157 -3.37 -0.52 35.46
N SER A 158 -4.28 0.25 34.87
CA SER A 158 -4.69 0.03 33.48
C SER A 158 -3.64 0.44 32.48
N LEU A 159 -2.79 1.40 32.83
CA LEU A 159 -1.65 1.75 31.97
C LEU A 159 -0.67 0.59 31.81
N ARG A 160 -0.37 -0.09 32.92
CA ARG A 160 0.59 -1.20 32.96
C ARG A 160 0.02 -2.47 32.30
N ILE A 161 -1.29 -2.66 32.43
CA ILE A 161 -2.01 -3.75 31.74
C ILE A 161 -1.98 -3.51 30.23
N LEU A 162 -2.17 -2.27 29.79
CA LEU A 162 -1.99 -1.92 28.38
C LEU A 162 -0.58 -2.22 27.86
N ASP A 163 0.44 -2.02 28.71
CA ASP A 163 1.81 -2.46 28.38
C ASP A 163 1.93 -4.00 28.27
N ILE A 164 1.30 -4.70 29.22
CA ILE A 164 1.25 -6.17 29.18
C ILE A 164 0.52 -6.68 27.95
N LEU A 165 -0.66 -6.10 27.71
CA LEU A 165 -1.48 -6.55 26.59
C LEU A 165 -0.78 -6.30 25.26
N GLU A 166 -0.18 -5.11 25.10
CA GLU A 166 0.63 -4.83 23.91
C GLU A 166 1.67 -5.90 23.69
N TYR A 167 2.39 -6.26 24.75
CA TYR A 167 3.46 -7.26 24.67
C TYR A 167 2.94 -8.61 24.19
N ILE A 168 1.96 -9.17 24.91
CA ILE A 168 1.51 -10.53 24.58
C ILE A 168 0.85 -10.58 23.19
N HIS A 169 0.12 -9.50 22.85
CA HIS A 169 -0.51 -9.34 21.52
C HIS A 169 0.53 -9.38 20.42
N GLU A 170 1.64 -8.65 20.62
CA GLU A 170 2.77 -8.62 19.68
C GLU A 170 3.54 -9.95 19.60
N HIS A 171 3.41 -10.78 20.64
CA HIS A 171 3.88 -12.17 20.60
C HIS A 171 2.76 -13.17 20.34
N GLU A 172 1.76 -12.75 19.57
CA GLU A 172 0.74 -13.62 18.96
C GLU A 172 -0.33 -14.24 19.89
N TYR A 173 -0.49 -13.72 21.11
CA TYR A 173 -1.44 -14.28 22.08
C TYR A 173 -2.42 -13.24 22.59
N VAL A 174 -3.63 -13.68 22.94
CA VAL A 174 -4.54 -12.91 23.80
C VAL A 174 -4.80 -13.70 25.09
N HIS A 175 -5.09 -12.97 26.17
CA HIS A 175 -5.33 -13.56 27.48
C HIS A 175 -6.80 -14.01 27.65
N GLY A 176 -7.74 -13.17 27.25
CA GLY A 176 -9.17 -13.50 27.29
C GLY A 176 -9.86 -13.53 28.65
N ASP A 177 -9.14 -13.22 29.72
CA ASP A 177 -9.67 -13.40 31.09
C ASP A 177 -8.97 -12.47 32.08
N ILE A 178 -8.89 -11.18 31.74
CA ILE A 178 -8.30 -10.19 32.62
C ILE A 178 -9.31 -9.91 33.71
N LYS A 179 -8.83 -9.92 34.95
CA LYS A 179 -9.62 -9.62 36.14
C LYS A 179 -8.70 -9.51 37.33
N ALA A 180 -9.20 -8.94 38.42
CA ALA A 180 -8.38 -8.64 39.59
C ALA A 180 -7.67 -9.87 40.14
N SER A 181 -8.34 -11.02 40.15
CA SER A 181 -7.75 -12.24 40.71
C SER A 181 -6.62 -12.83 39.84
N ASN A 182 -6.54 -12.42 38.57
CA ASN A 182 -5.37 -12.71 37.73
C ASN A 182 -4.32 -11.61 37.71
N LEU A 183 -4.39 -10.70 38.67
CA LEU A 183 -3.41 -9.62 38.78
C LEU A 183 -2.73 -9.72 40.14
N LEU A 184 -1.43 -10.03 40.13
CA LEU A 184 -0.64 -10.26 41.33
C LEU A 184 0.39 -9.15 41.47
N LEU A 185 0.58 -8.68 42.69
CA LEU A 185 1.65 -7.71 42.97
C LEU A 185 2.98 -8.42 43.07
N ASN A 186 4.03 -7.74 42.61
CA ASN A 186 5.42 -8.16 42.85
C ASN A 186 5.60 -8.31 44.37
N TYR A 187 6.25 -9.40 44.74
CA TYR A 187 6.49 -9.79 46.14
C TYR A 187 7.37 -8.76 46.89
N LYS A 188 8.39 -8.23 46.21
CA LYS A 188 9.32 -7.27 46.79
C LYS A 188 9.11 -5.81 46.31
N ASN A 189 7.98 -5.52 45.66
CA ASN A 189 7.68 -4.16 45.16
C ASN A 189 6.16 -3.96 44.89
N PRO A 190 5.43 -3.35 45.85
CA PRO A 190 3.96 -3.32 45.69
C PRO A 190 3.39 -2.38 44.60
N ASP A 191 4.23 -1.68 43.85
CA ASP A 191 3.76 -0.83 42.74
C ASP A 191 3.94 -1.47 41.36
N GLN A 192 4.21 -2.77 41.34
CA GLN A 192 4.35 -3.53 40.10
C GLN A 192 3.29 -4.64 40.10
N VAL A 193 2.44 -4.63 39.08
CA VAL A 193 1.37 -5.60 38.92
C VAL A 193 1.66 -6.47 37.71
N TYR A 194 1.26 -7.73 37.79
CA TYR A 194 1.58 -8.76 36.81
C TYR A 194 0.31 -9.47 36.40
N LEU A 195 0.18 -9.79 35.12
CA LEU A 195 -0.94 -10.57 34.60
C LEU A 195 -0.52 -12.03 34.55
N VAL A 196 -1.23 -12.90 35.27
CA VAL A 196 -0.88 -14.34 35.35
C VAL A 196 -2.01 -15.18 34.78
N ASP A 197 -1.80 -16.50 34.74
CA ASP A 197 -2.80 -17.49 34.28
C ASP A 197 -3.01 -17.46 32.77
N TYR A 198 -2.21 -18.24 32.04
CA TYR A 198 -2.32 -18.33 30.59
C TYR A 198 -2.79 -19.71 30.14
N GLY A 199 -3.43 -20.46 31.04
CA GLY A 199 -3.86 -21.85 30.74
C GLY A 199 -4.94 -21.97 29.67
N LEU A 200 -5.80 -20.95 29.58
CA LEU A 200 -6.81 -20.82 28.53
C LEU A 200 -6.55 -19.56 27.69
N ALA A 201 -5.28 -19.20 27.51
CA ALA A 201 -4.89 -18.13 26.58
C ALA A 201 -4.97 -18.68 25.16
N TYR A 202 -4.97 -17.78 24.19
CA TYR A 202 -5.25 -18.15 22.82
C TYR A 202 -4.27 -17.52 21.84
N ARG A 203 -3.73 -18.37 20.96
CA ARG A 203 -2.82 -17.94 19.90
C ARG A 203 -3.65 -17.46 18.71
N TYR A 204 -4.02 -16.19 18.78
CA TYR A 204 -4.84 -15.55 17.77
C TYR A 204 -4.11 -15.34 16.42
N CYS A 205 -2.78 -15.36 16.41
CA CYS A 205 -2.02 -14.93 15.25
C CYS A 205 -0.78 -15.80 14.95
N PRO A 206 -0.96 -17.14 14.86
CA PRO A 206 0.22 -17.97 14.61
C PRO A 206 0.88 -17.63 13.27
N GLU A 207 2.18 -17.40 13.31
CA GLU A 207 3.00 -17.09 12.12
C GLU A 207 2.49 -15.85 11.37
N GLY A 208 1.89 -14.91 12.11
CA GLY A 208 1.36 -13.67 11.53
C GLY A 208 0.03 -13.77 10.79
N VAL A 209 -0.63 -14.93 10.83
CA VAL A 209 -1.91 -15.15 10.15
C VAL A 209 -3.06 -15.06 11.17
N HIS A 210 -3.75 -13.93 11.21
CA HIS A 210 -4.87 -13.73 12.14
C HIS A 210 -5.96 -14.76 11.89
N LYS A 211 -6.52 -15.33 12.97
CA LYS A 211 -7.66 -16.22 12.85
C LYS A 211 -8.82 -15.43 12.31
N ALA A 212 -9.68 -16.12 11.55
CA ALA A 212 -10.85 -15.49 10.94
C ALA A 212 -11.95 -15.39 11.97
N TYR A 213 -12.90 -14.48 11.71
CA TYR A 213 -14.07 -14.27 12.56
C TYR A 213 -14.98 -15.52 12.57
N ALA A 214 -14.68 -16.45 13.47
CA ALA A 214 -15.41 -17.72 13.58
C ALA A 214 -15.08 -18.44 14.89
N ALA A 215 -15.81 -19.51 15.19
CA ALA A 215 -15.55 -20.36 16.36
C ALA A 215 -14.30 -21.22 16.16
N ASP A 216 -13.72 -21.69 17.26
CA ASP A 216 -12.58 -22.61 17.25
C ASP A 216 -12.95 -23.83 18.10
N PRO A 217 -13.22 -25.01 17.47
CA PRO A 217 -13.61 -26.22 18.21
C PRO A 217 -12.61 -26.73 19.26
N LYS A 218 -11.31 -26.53 19.02
CA LYS A 218 -10.25 -26.89 19.98
C LYS A 218 -10.35 -26.12 21.32
N ARG A 219 -11.02 -24.96 21.30
CA ARG A 219 -11.30 -24.14 22.48
C ARG A 219 -12.79 -24.24 22.82
N CYS A 220 -13.13 -24.05 24.10
CA CYS A 220 -14.52 -23.77 24.50
C CYS A 220 -14.64 -23.01 25.84
N HIS A 221 -13.68 -22.14 26.14
CA HIS A 221 -13.78 -21.21 27.27
C HIS A 221 -14.40 -19.91 26.75
N ASP A 222 -15.44 -19.42 27.45
CA ASP A 222 -16.11 -18.16 27.13
C ASP A 222 -15.51 -16.95 27.87
N GLY A 223 -14.63 -17.21 28.84
CA GLY A 223 -14.05 -16.18 29.72
C GLY A 223 -14.66 -16.26 31.11
N THR A 224 -14.54 -15.17 31.88
CA THR A 224 -15.33 -14.97 33.10
C THR A 224 -16.52 -14.10 32.70
N ILE A 225 -17.72 -14.55 33.02
CA ILE A 225 -18.96 -14.02 32.41
C ILE A 225 -19.21 -12.51 32.57
N GLU A 226 -19.00 -11.97 33.76
CA GLU A 226 -19.22 -10.54 34.01
C GLU A 226 -18.29 -9.63 33.21
N PHE A 227 -17.09 -10.12 32.88
CA PHE A 227 -16.07 -9.31 32.19
C PHE A 227 -15.77 -9.70 30.73
N THR A 228 -16.26 -10.85 30.26
CA THR A 228 -15.84 -11.32 28.92
C THR A 228 -16.33 -10.44 27.76
N SER A 229 -15.66 -10.56 26.62
CA SER A 229 -15.98 -9.74 25.45
C SER A 229 -17.27 -10.17 24.75
N ILE A 230 -17.80 -9.26 23.93
CA ILE A 230 -18.97 -9.53 23.10
C ILE A 230 -18.63 -10.63 22.09
N ASP A 231 -17.46 -10.53 21.48
CA ASP A 231 -16.93 -11.58 20.60
C ASP A 231 -17.06 -12.97 21.25
N ALA A 232 -16.59 -13.08 22.49
CA ALA A 232 -16.63 -14.36 23.20
C ALA A 232 -18.07 -14.81 23.46
N HIS A 233 -18.94 -13.87 23.82
CA HIS A 233 -20.37 -14.18 23.97
C HIS A 233 -21.03 -14.70 22.68
N ASN A 234 -20.59 -14.17 21.54
CA ASN A 234 -21.01 -14.65 20.22
C ASN A 234 -20.32 -15.95 19.77
N GLY A 235 -19.48 -16.54 20.62
CA GLY A 235 -18.87 -17.83 20.34
C GLY A 235 -17.79 -17.85 19.27
N VAL A 236 -17.12 -16.73 19.05
CA VAL A 236 -15.96 -16.67 18.17
C VAL A 236 -14.72 -16.61 19.05
N ALA A 237 -13.59 -16.95 18.47
CA ALA A 237 -12.31 -16.93 19.19
C ALA A 237 -11.97 -15.52 19.63
N PRO A 238 -11.37 -15.38 20.82
CA PRO A 238 -11.01 -14.03 21.27
C PRO A 238 -9.91 -13.42 20.41
N SER A 239 -9.85 -12.09 20.38
CA SER A 239 -8.83 -11.35 19.64
C SER A 239 -8.44 -10.10 20.43
N ARG A 240 -7.65 -9.22 19.84
CA ARG A 240 -7.04 -8.13 20.60
C ARG A 240 -8.06 -7.17 21.18
N ARG A 241 -9.08 -6.82 20.38
CA ARG A 241 -10.13 -5.92 20.84
C ARG A 241 -10.91 -6.47 22.04
N GLY A 242 -11.13 -7.78 22.07
CA GLY A 242 -11.72 -8.46 23.22
C GLY A 242 -11.01 -8.16 24.53
N ASP A 243 -9.68 -8.24 24.52
CA ASP A 243 -8.87 -8.00 25.72
C ASP A 243 -9.04 -6.58 26.23
N LEU A 244 -9.09 -5.62 25.31
CA LEU A 244 -9.26 -4.20 25.67
C LEU A 244 -10.67 -3.91 26.19
N GLU A 245 -11.65 -4.59 25.60
CA GLU A 245 -13.01 -4.54 26.08
C GLU A 245 -13.10 -5.10 27.52
N ILE A 246 -12.46 -6.25 27.76
CA ILE A 246 -12.45 -6.87 29.10
C ILE A 246 -11.84 -5.90 30.12
N LEU A 247 -10.72 -5.28 29.76
CA LEU A 247 -10.09 -4.29 30.61
C LEU A 247 -11.03 -3.11 30.87
N GLY A 248 -11.75 -2.67 29.84
CA GLY A 248 -12.75 -1.60 30.01
C GLY A 248 -13.77 -1.89 31.10
N TYR A 249 -14.34 -3.10 31.07
CA TYR A 249 -15.31 -3.52 32.08
C TYR A 249 -14.68 -3.66 33.46
N CYS A 250 -13.42 -4.09 33.51
CA CYS A 250 -12.68 -4.15 34.77
C CYS A 250 -12.55 -2.75 35.38
N MET A 251 -12.15 -1.78 34.56
CA MET A 251 -12.03 -0.38 35.00
C MET A 251 -13.30 0.13 35.68
N ILE A 252 -14.46 -0.10 35.07
CA ILE A 252 -15.74 0.32 35.66
C ILE A 252 -16.06 -0.46 36.94
N GLN A 253 -15.85 -1.77 36.92
CA GLN A 253 -15.99 -2.59 38.13
C GLN A 253 -15.12 -2.06 39.25
N TRP A 254 -13.87 -1.74 38.95
CA TRP A 254 -12.93 -1.26 39.96
C TRP A 254 -13.29 0.12 40.49
N LEU A 255 -13.73 1.01 39.62
CA LEU A 255 -14.11 2.37 40.01
C LEU A 255 -15.38 2.42 40.87
N THR A 256 -16.39 1.65 40.47
CA THR A 256 -17.76 1.81 40.98
C THR A 256 -18.22 0.73 41.93
N GLY A 257 -17.51 -0.42 41.95
CA GLY A 257 -17.94 -1.60 42.70
C GLY A 257 -19.00 -2.47 42.02
N HIS A 258 -19.38 -2.13 40.79
CA HIS A 258 -20.53 -2.74 40.12
C HIS A 258 -20.37 -2.81 38.60
N LEU A 259 -21.16 -3.67 37.98
CA LEU A 259 -21.44 -3.66 36.54
C LEU A 259 -22.97 -3.78 36.36
N PRO A 260 -23.56 -3.05 35.39
CA PRO A 260 -25.02 -3.06 35.21
C PRO A 260 -25.67 -4.44 35.26
N TRP A 261 -25.03 -5.40 34.61
CA TRP A 261 -25.55 -6.77 34.41
C TRP A 261 -25.20 -7.79 35.52
N GLU A 262 -24.66 -7.32 36.65
CA GLU A 262 -24.13 -8.20 37.69
C GLU A 262 -25.19 -8.97 38.48
N ASP A 263 -26.43 -8.48 38.49
CA ASP A 263 -27.52 -9.19 39.17
C ASP A 263 -28.16 -10.31 38.30
N ASN A 264 -27.62 -10.55 37.10
CA ASN A 264 -28.16 -11.58 36.19
C ASN A 264 -27.04 -12.43 35.56
N LEU A 265 -25.99 -12.71 36.33
CA LEU A 265 -24.83 -13.45 35.78
C LEU A 265 -25.15 -14.89 35.38
N LYS A 266 -26.21 -15.47 35.95
CA LYS A 266 -26.63 -16.83 35.59
C LYS A 266 -27.19 -16.97 34.17
N ASP A 267 -27.56 -15.87 33.49
CA ASP A 267 -28.08 -15.90 32.12
C ASP A 267 -27.14 -15.18 31.13
N PRO A 268 -26.33 -15.95 30.38
CA PRO A 268 -25.43 -15.36 29.37
C PRO A 268 -26.11 -14.56 28.24
N LYS A 269 -27.38 -14.86 27.95
CA LYS A 269 -28.13 -14.08 26.97
C LYS A 269 -28.34 -12.65 27.44
N TYR A 270 -28.72 -12.51 28.72
CA TYR A 270 -28.91 -11.20 29.33
C TYR A 270 -27.64 -10.37 29.28
N VAL A 271 -26.51 -11.01 29.60
CA VAL A 271 -25.23 -10.32 29.74
C VAL A 271 -24.71 -9.86 28.38
N ARG A 272 -24.80 -10.73 27.37
CA ARG A 272 -24.49 -10.32 26.00
C ARG A 272 -25.39 -9.16 25.54
N ASP A 273 -26.67 -9.23 25.87
CA ASP A 273 -27.65 -8.23 25.44
C ASP A 273 -27.34 -6.86 26.01
N SER A 274 -27.07 -6.78 27.32
CA SER A 274 -26.69 -5.50 27.92
C SER A 274 -25.38 -4.94 27.37
N LYS A 275 -24.38 -5.79 27.21
CA LYS A 275 -23.11 -5.38 26.66
C LYS A 275 -23.24 -4.84 25.24
N ILE A 276 -23.99 -5.53 24.38
CA ILE A 276 -24.23 -5.05 23.02
C ILE A 276 -24.98 -3.73 23.04
N ARG A 277 -26.00 -3.63 23.90
CA ARG A 277 -26.80 -2.40 23.98
C ARG A 277 -25.99 -1.22 24.49
N TYR A 278 -25.18 -1.45 25.53
CA TYR A 278 -24.32 -0.39 26.10
C TYR A 278 -23.12 -0.02 25.25
N ARG A 279 -22.67 -0.96 24.41
CA ARG A 279 -21.66 -0.67 23.40
C ARG A 279 -22.21 0.35 22.40
N GLU A 280 -23.47 0.19 22.00
CA GLU A 280 -24.08 1.10 21.03
C GLU A 280 -24.39 2.49 21.62
N ASN A 281 -24.57 2.59 22.93
CA ASN A 281 -24.82 3.88 23.60
C ASN A 281 -23.97 4.01 24.88
N ILE A 282 -22.72 4.47 24.69
CA ILE A 282 -21.73 4.57 25.78
C ILE A 282 -22.06 5.65 26.83
N ALA A 283 -22.71 6.73 26.40
CA ALA A 283 -23.25 7.72 27.35
C ALA A 283 -24.26 7.11 28.34
N SER A 284 -25.15 6.23 27.87
CA SER A 284 -26.09 5.57 28.79
C SER A 284 -25.42 4.55 29.73
N LEU A 285 -24.28 4.00 29.33
CA LEU A 285 -23.43 3.20 30.21
C LEU A 285 -22.75 4.06 31.26
N MET A 286 -22.23 5.22 30.83
CA MET A 286 -21.66 6.19 31.77
C MET A 286 -22.70 6.70 32.76
N ASP A 287 -23.92 6.99 32.29
CA ASP A 287 -25.01 7.42 33.19
C ASP A 287 -25.48 6.31 34.14
N LYS A 288 -25.53 5.08 33.63
CA LYS A 288 -25.92 3.92 34.44
C LYS A 288 -24.93 3.55 35.55
N CYS A 289 -23.62 3.67 35.28
CA CYS A 289 -22.57 3.23 36.23
C CYS A 289 -22.08 4.30 37.19
N PHE A 290 -22.14 5.55 36.76
CA PHE A 290 -21.63 6.68 37.54
C PHE A 290 -22.77 7.59 37.98
N PRO A 291 -22.58 8.27 39.13
CA PRO A 291 -23.54 9.31 39.52
C PRO A 291 -23.82 10.29 38.38
N ALA A 292 -25.04 10.80 38.34
CA ALA A 292 -25.47 11.67 37.25
C ALA A 292 -24.50 12.85 37.03
N ALA A 293 -24.22 13.14 35.75
CA ALA A 293 -23.31 14.22 35.30
C ALA A 293 -21.91 14.23 35.96
N ASN A 294 -21.39 13.04 36.27
CA ASN A 294 -20.13 12.92 36.98
C ASN A 294 -19.47 11.58 36.63
N ALA A 295 -19.02 11.47 35.38
CA ALA A 295 -18.40 10.24 34.88
C ALA A 295 -17.04 10.55 34.30
N PRO A 296 -16.02 9.72 34.61
CA PRO A 296 -14.66 10.00 34.13
C PRO A 296 -14.55 9.94 32.62
N GLY A 297 -14.19 11.06 32.00
CA GLY A 297 -14.14 11.18 30.55
C GLY A 297 -13.19 10.27 29.80
N GLU A 298 -12.05 9.93 30.42
CA GLU A 298 -11.11 8.97 29.80
C GLU A 298 -11.67 7.55 29.67
N ILE A 299 -12.55 7.14 30.58
CA ILE A 299 -13.18 5.80 30.50
C ILE A 299 -14.14 5.74 29.34
N ALA A 300 -15.02 6.74 29.23
CA ALA A 300 -15.90 6.86 28.07
C ALA A 300 -15.09 6.93 26.78
N LYS A 301 -14.03 7.74 26.79
CA LYS A 301 -13.18 7.87 25.60
C LYS A 301 -12.46 6.56 25.26
N TYR A 302 -12.01 5.83 26.29
CA TYR A 302 -11.44 4.50 26.14
C TYR A 302 -12.41 3.53 25.45
N MET A 303 -13.64 3.42 25.99
CA MET A 303 -14.68 2.55 25.44
C MET A 303 -14.98 2.91 23.97
N GLU A 304 -15.11 4.21 23.69
CA GLU A 304 -15.37 4.68 22.32
C GLU A 304 -14.30 4.28 21.32
N THR A 305 -13.03 4.32 21.72
CA THR A 305 -11.91 3.93 20.85
C THR A 305 -11.86 2.41 20.57
N VAL A 306 -12.12 1.61 21.60
CA VAL A 306 -12.13 0.13 21.51
C VAL A 306 -13.29 -0.35 20.65
N LYS A 307 -14.42 0.35 20.77
CA LYS A 307 -15.57 0.18 19.90
C LYS A 307 -15.26 0.25 18.39
N LEU A 308 -14.34 1.11 18.00
CA LEU A 308 -14.01 1.31 16.58
C LEU A 308 -13.20 0.18 15.96
N LEU A 309 -12.60 -0.65 16.80
CA LEU A 309 -11.70 -1.69 16.33
C LEU A 309 -12.45 -2.79 15.60
N ASP A 310 -11.95 -3.15 14.42
CA ASP A 310 -12.37 -4.38 13.75
C ASP A 310 -11.73 -5.59 14.44
N TYR A 311 -12.31 -6.76 14.19
CA TYR A 311 -11.91 -8.02 14.82
C TYR A 311 -10.43 -8.35 14.66
N THR A 312 -9.95 -8.19 13.43
CA THR A 312 -8.54 -8.44 13.06
C THR A 312 -7.60 -7.26 13.33
N GLU A 313 -8.13 -6.07 13.58
CA GLU A 313 -7.34 -4.85 13.61
C GLU A 313 -6.39 -4.80 14.81
N LYS A 314 -5.24 -4.16 14.59
CA LYS A 314 -4.25 -3.90 15.64
C LYS A 314 -4.57 -2.59 16.36
N PRO A 315 -4.71 -2.62 17.71
CA PRO A 315 -4.95 -1.38 18.45
C PRO A 315 -3.82 -0.38 18.38
N LEU A 316 -4.15 0.90 18.47
CA LEU A 316 -3.16 1.95 18.66
C LEU A 316 -2.96 2.12 20.17
N TYR A 317 -2.09 1.26 20.72
CA TYR A 317 -1.92 1.13 22.18
C TYR A 317 -1.46 2.45 22.83
N GLU A 318 -0.58 3.17 22.15
CA GLU A 318 -0.04 4.43 22.68
C GLU A 318 -1.13 5.52 22.81
N ASN A 319 -2.08 5.53 21.87
CA ASN A 319 -3.26 6.43 21.97
C ASN A 319 -4.20 6.04 23.11
N LEU A 320 -4.34 4.74 23.37
CA LEU A 320 -5.13 4.29 24.51
C LEU A 320 -4.48 4.72 25.82
N ARG A 321 -3.15 4.62 25.89
CA ARG A 321 -2.42 5.08 27.06
C ARG A 321 -2.48 6.62 27.19
N ASP A 322 -2.40 7.34 26.07
CA ASP A 322 -2.55 8.83 26.08
C ASP A 322 -3.93 9.28 26.59
N ILE A 323 -4.97 8.52 26.27
CA ILE A 323 -6.33 8.71 26.82
C ILE A 323 -6.35 8.56 28.35
N LEU A 324 -5.71 7.52 28.88
CA LEU A 324 -5.60 7.35 30.32
C LEU A 324 -4.67 8.39 30.97
N LEU A 325 -3.64 8.83 30.24
CA LEU A 325 -2.77 9.94 30.68
C LEU A 325 -3.50 11.28 30.84
N GLN A 326 -4.41 11.59 29.92
CA GLN A 326 -5.25 12.80 30.03
C GLN A 326 -6.01 12.77 31.35
N GLY A 327 -6.56 11.61 31.70
CA GLY A 327 -7.22 11.39 32.98
C GLY A 327 -6.40 11.67 34.23
N LEU A 328 -5.14 11.24 34.23
CA LEU A 328 -4.23 11.55 35.34
C LEU A 328 -3.96 13.05 35.43
N LYS A 329 -3.81 13.71 34.29
CA LYS A 329 -3.69 15.17 34.23
C LYS A 329 -4.91 15.87 34.87
N ALA A 330 -6.11 15.40 34.51
CA ALA A 330 -7.38 15.94 35.04
C ALA A 330 -7.53 15.89 36.57
N ILE A 331 -6.94 14.89 37.22
CA ILE A 331 -7.01 14.73 38.68
C ILE A 331 -5.77 15.30 39.40
N GLY A 332 -4.96 16.09 38.67
CA GLY A 332 -3.78 16.73 39.22
C GLY A 332 -2.69 15.74 39.56
N SER A 333 -2.39 14.85 38.61
CA SER A 333 -1.38 13.80 38.80
C SER A 333 -0.61 13.52 37.50
N LYS A 334 0.21 12.48 37.53
CA LYS A 334 1.03 12.10 36.38
C LYS A 334 1.35 10.60 36.47
N ASP A 335 1.91 10.04 35.40
CA ASP A 335 2.35 8.65 35.42
C ASP A 335 3.68 8.56 36.18
N ASP A 336 3.57 8.47 37.49
CA ASP A 336 4.71 8.32 38.38
C ASP A 336 4.85 6.88 38.91
N GLY A 337 4.09 5.95 38.32
CA GLY A 337 4.23 4.52 38.64
C GLY A 337 3.65 4.06 39.96
N LYS A 338 3.11 4.97 40.77
CA LYS A 338 2.61 4.63 42.09
C LYS A 338 1.17 4.17 41.97
N LEU A 339 0.88 2.93 42.38
CA LEU A 339 -0.47 2.37 42.30
C LEU A 339 -1.35 2.79 43.47
N ASP A 340 -0.72 3.19 44.58
CA ASP A 340 -1.42 3.71 45.75
C ASP A 340 -2.38 2.67 46.39
N LEU A 341 -1.84 1.48 46.64
CA LEU A 341 -2.59 0.39 47.27
C LEU A 341 -2.21 0.25 48.74
N PHE B 23 -25.05 41.67 -3.03
CA PHE B 23 -23.69 42.20 -3.38
C PHE B 23 -23.50 42.36 -4.88
N ALA B 24 -22.42 43.05 -5.25
CA ALA B 24 -21.95 43.18 -6.64
C ALA B 24 -20.59 42.52 -6.78
N VAL B 25 -20.24 42.16 -8.02
CA VAL B 25 -19.04 41.38 -8.32
C VAL B 25 -17.75 42.16 -8.01
N GLY B 26 -16.88 41.57 -7.20
CA GLY B 26 -15.57 42.16 -6.87
C GLY B 26 -15.47 42.95 -5.57
N GLU B 27 -16.45 42.80 -4.68
CA GLU B 27 -16.47 43.52 -3.40
C GLU B 27 -15.54 42.85 -2.37
N ILE B 28 -15.10 43.63 -1.39
CA ILE B 28 -14.23 43.14 -0.30
C ILE B 28 -15.03 42.94 0.99
N ILE B 29 -14.92 41.75 1.60
CA ILE B 29 -15.67 41.39 2.81
C ILE B 29 -14.70 40.94 3.91
N THR B 30 -14.84 41.50 5.11
CA THR B 30 -13.97 41.19 6.25
C THR B 30 -14.61 40.17 7.21
N ASP B 31 -13.99 39.00 7.39
CA ASP B 31 -14.55 37.92 8.23
C ASP B 31 -14.21 38.07 9.73
N MET B 32 -14.62 37.10 10.55
CA MET B 32 -14.43 37.16 12.02
C MET B 32 -12.97 37.07 12.51
N ALA B 33 -12.06 36.55 11.67
CA ALA B 33 -10.62 36.56 11.97
C ALA B 33 -9.85 37.64 11.19
N ALA B 34 -10.56 38.68 10.75
CA ALA B 34 -9.97 39.82 10.03
C ALA B 34 -9.23 39.45 8.73
N ALA B 35 -9.65 38.37 8.09
CA ALA B 35 -9.13 37.96 6.77
C ALA B 35 -10.10 38.45 5.70
N ALA B 36 -9.55 38.95 4.58
CA ALA B 36 -10.32 39.61 3.54
C ALA B 36 -10.61 38.65 2.38
N TRP B 37 -11.82 38.75 1.82
CA TRP B 37 -12.27 37.85 0.74
C TRP B 37 -12.83 38.64 -0.45
N LYS B 38 -12.48 38.21 -1.67
CA LYS B 38 -12.85 38.87 -2.92
C LYS B 38 -13.97 38.11 -3.62
N VAL B 39 -15.10 38.78 -3.82
CA VAL B 39 -16.32 38.17 -4.35
C VAL B 39 -16.24 38.03 -5.88
N GLY B 40 -16.87 36.99 -6.42
CA GLY B 40 -16.90 36.73 -7.87
C GLY B 40 -18.32 36.78 -8.46
N LEU B 41 -18.46 36.21 -9.65
CA LEU B 41 -19.75 36.16 -10.36
C LEU B 41 -20.64 35.06 -9.78
N PRO B 42 -21.95 35.35 -9.57
CA PRO B 42 -22.86 34.33 -9.04
C PRO B 42 -23.20 33.20 -10.01
N CYS B 50 -27.49 34.99 -4.16
CA CYS B 50 -27.36 34.34 -2.87
C CYS B 50 -26.03 33.60 -2.70
N ILE B 51 -25.50 33.01 -3.78
CA ILE B 51 -24.24 32.24 -3.74
C ILE B 51 -23.30 32.66 -4.88
N TYR B 52 -22.09 33.15 -4.52
CA TYR B 52 -21.07 33.62 -5.47
C TYR B 52 -19.76 32.87 -5.29
N LEU B 53 -18.99 32.71 -6.37
CA LEU B 53 -17.60 32.24 -6.27
C LEU B 53 -16.78 33.25 -5.45
N ALA B 54 -15.72 32.76 -4.79
CA ALA B 54 -14.90 33.61 -3.92
C ALA B 54 -13.45 33.15 -3.82
N ASP B 55 -12.59 34.03 -3.32
CA ASP B 55 -11.16 33.77 -3.21
C ASP B 55 -10.52 34.64 -2.11
N MET B 56 -9.52 34.10 -1.43
CA MET B 56 -8.78 34.82 -0.38
C MET B 56 -7.80 35.77 -1.04
N ASN B 57 -8.17 37.05 -1.15
CA ASN B 57 -7.33 38.04 -1.83
C ASN B 57 -6.16 38.44 -0.93
N GLY B 63 -11.91 35.11 -9.94
CA GLY B 63 -11.42 33.96 -10.70
C GLY B 63 -12.52 33.06 -11.26
N SER B 64 -12.17 32.27 -12.28
CA SER B 64 -13.11 31.32 -12.93
C SER B 64 -13.05 29.93 -12.28
N ASP B 65 -11.83 29.41 -12.10
CA ASP B 65 -11.59 28.12 -11.46
C ASP B 65 -11.39 28.27 -9.94
N ALA B 66 -12.29 29.01 -9.29
CA ALA B 66 -12.10 29.47 -7.91
C ALA B 66 -12.26 28.35 -6.86
N PRO B 67 -11.44 28.37 -5.78
CA PRO B 67 -11.45 27.30 -4.78
C PRO B 67 -12.61 27.36 -3.76
N CYS B 68 -13.06 28.57 -3.43
CA CYS B 68 -14.07 28.81 -2.40
C CYS B 68 -15.37 29.38 -3.01
N VAL B 69 -16.36 29.59 -2.13
CA VAL B 69 -17.66 30.16 -2.47
C VAL B 69 -18.12 30.97 -1.25
N VAL B 70 -18.90 32.03 -1.48
CA VAL B 70 -19.48 32.83 -0.39
C VAL B 70 -21.01 32.81 -0.48
N LYS B 71 -21.66 32.65 0.68
CA LYS B 71 -23.13 32.62 0.77
C LYS B 71 -23.60 33.81 1.61
N VAL B 72 -24.68 34.47 1.16
CA VAL B 72 -25.15 35.75 1.74
C VAL B 72 -26.67 35.78 2.00
N GLU B 73 -27.07 36.47 3.07
CA GLU B 73 -28.48 36.75 3.39
C GLU B 73 -28.59 37.84 4.49
N PRO B 74 -29.80 38.42 4.69
CA PRO B 74 -30.07 39.25 5.89
C PRO B 74 -29.73 38.55 7.22
N PRO B 79 -31.79 31.18 8.96
CA PRO B 79 -31.60 30.09 7.97
C PRO B 79 -30.12 29.89 7.63
N LEU B 80 -29.43 30.99 7.33
CA LEU B 80 -27.97 31.03 7.33
C LEU B 80 -27.47 31.18 8.79
N PHE B 81 -28.31 31.70 9.67
CA PHE B 81 -28.05 31.64 11.11
C PHE B 81 -28.02 30.17 11.58
N THR B 82 -28.98 29.36 11.12
CA THR B 82 -29.04 27.92 11.46
C THR B 82 -27.82 27.18 10.90
N GLU B 83 -27.53 27.41 9.63
CA GLU B 83 -26.44 26.78 8.94
C GLU B 83 -25.08 27.10 9.59
N LEU B 84 -24.92 28.36 10.02
CA LEU B 84 -23.68 28.82 10.64
C LEU B 84 -23.41 28.11 11.96
N LYS B 85 -24.43 28.03 12.81
CA LYS B 85 -24.31 27.31 14.11
C LYS B 85 -23.99 25.83 13.95
N PHE B 86 -24.53 25.20 12.92
CA PHE B 86 -24.21 23.80 12.62
C PHE B 86 -22.71 23.59 12.46
N TYR B 87 -22.12 24.31 11.52
CA TYR B 87 -20.67 24.21 11.27
C TYR B 87 -19.82 24.61 12.48
N GLN B 88 -20.27 25.61 13.25
CA GLN B 88 -19.55 26.07 14.45
C GLN B 88 -19.56 25.02 15.58
N ARG B 89 -20.70 24.40 15.83
CA ARG B 89 -20.81 23.35 16.86
C ARG B 89 -20.26 21.98 16.41
N ALA B 90 -20.63 21.57 15.20
CA ALA B 90 -20.57 20.18 14.79
C ALA B 90 -19.64 19.81 13.63
N ALA B 91 -19.27 20.77 12.79
CA ALA B 91 -18.51 20.47 11.57
C ALA B 91 -17.33 21.43 11.40
N LYS B 92 -16.57 21.59 12.47
CA LYS B 92 -15.28 22.27 12.40
C LYS B 92 -14.26 21.40 11.67
N PRO B 93 -13.31 22.01 10.93
CA PRO B 93 -12.23 21.28 10.28
C PRO B 93 -11.62 20.13 11.11
N GLU B 94 -11.31 20.39 12.37
CA GLU B 94 -10.71 19.40 13.29
C GLU B 94 -11.59 18.18 13.55
N GLN B 95 -12.89 18.42 13.79
CA GLN B 95 -13.86 17.34 14.07
C GLN B 95 -14.04 16.40 12.89
N ILE B 96 -14.09 16.99 11.68
CA ILE B 96 -14.20 16.23 10.44
C ILE B 96 -12.96 15.36 10.22
N GLN B 97 -11.78 15.91 10.51
CA GLN B 97 -10.53 15.13 10.41
C GLN B 97 -10.46 14.02 11.48
N LYS B 98 -10.80 14.32 12.73
CA LYS B 98 -10.82 13.30 13.79
C LYS B 98 -11.69 12.10 13.37
N TRP B 99 -12.87 12.37 12.79
CA TRP B 99 -13.80 11.33 12.33
C TRP B 99 -13.26 10.51 11.14
N ILE B 100 -12.74 11.19 10.11
CA ILE B 100 -12.16 10.52 8.92
C ILE B 100 -11.06 9.51 9.31
N ARG B 101 -10.16 9.93 10.20
CA ARG B 101 -9.08 9.06 10.70
C ARG B 101 -9.62 7.83 11.43
N THR B 102 -10.40 8.08 12.48
CA THR B 102 -10.80 7.01 13.42
C THR B 102 -11.80 5.99 12.82
N ARG B 103 -12.62 6.42 11.86
CA ARG B 103 -13.58 5.55 11.17
CA ARG B 103 -13.58 5.56 11.17
C ARG B 103 -12.99 4.95 9.89
N LYS B 104 -11.81 5.42 9.49
CA LYS B 104 -11.05 4.90 8.33
C LYS B 104 -11.73 5.13 6.98
N LEU B 105 -11.88 6.41 6.61
CA LEU B 105 -12.56 6.79 5.37
C LEU B 105 -11.58 7.49 4.42
N LYS B 106 -11.77 7.31 3.11
CA LYS B 106 -11.06 8.10 2.09
C LYS B 106 -11.45 9.58 2.16
N TYR B 107 -12.73 9.84 2.41
CA TYR B 107 -13.22 11.20 2.65
C TYR B 107 -14.53 11.18 3.45
N LEU B 108 -14.97 12.36 3.87
CA LEU B 108 -16.32 12.55 4.41
C LEU B 108 -16.98 13.71 3.67
N GLY B 109 -18.17 13.48 3.13
CA GLY B 109 -18.85 14.52 2.35
C GLY B 109 -19.55 15.63 3.13
N VAL B 110 -18.89 16.20 4.15
CA VAL B 110 -19.37 17.42 4.78
C VAL B 110 -18.49 18.55 4.27
N PRO B 111 -19.09 19.68 3.85
CA PRO B 111 -18.28 20.79 3.36
C PRO B 111 -17.30 21.38 4.38
N LYS B 112 -16.17 21.91 3.88
CA LYS B 112 -15.24 22.68 4.72
C LYS B 112 -15.76 24.10 4.92
N TYR B 113 -15.78 24.53 6.17
CA TYR B 113 -16.20 25.88 6.56
C TYR B 113 -14.94 26.74 6.70
N TRP B 114 -14.78 27.73 5.81
CA TRP B 114 -13.59 28.59 5.79
C TRP B 114 -13.70 29.84 6.67
N GLY B 115 -14.90 30.38 6.87
CA GLY B 115 -15.09 31.58 7.71
C GLY B 115 -16.45 32.25 7.53
N SER B 116 -16.71 33.32 8.28
CA SER B 116 -18.01 33.99 8.27
C SER B 116 -17.94 35.42 8.80
N GLY B 117 -18.95 36.25 8.51
CA GLY B 117 -19.04 37.57 9.11
C GLY B 117 -20.35 38.32 8.91
N LEU B 118 -20.36 39.58 9.34
CA LEU B 118 -21.47 40.51 9.16
C LEU B 118 -20.97 41.72 8.36
N HIS B 119 -21.37 41.79 7.08
CA HIS B 119 -21.00 42.89 6.18
C HIS B 119 -22.22 43.76 5.87
N TYR B 126 -26.32 42.66 6.44
CA TYR B 126 -26.05 41.41 5.74
C TYR B 126 -25.11 40.48 6.52
N ARG B 127 -25.33 39.17 6.39
CA ARG B 127 -24.56 38.11 7.09
C ARG B 127 -24.06 37.11 6.05
N PHE B 128 -22.83 36.62 6.20
CA PHE B 128 -22.21 35.73 5.18
C PHE B 128 -21.41 34.53 5.73
N MET B 129 -21.09 33.60 4.82
CA MET B 129 -20.38 32.35 5.13
C MET B 129 -19.51 31.89 3.97
N ILE B 130 -18.23 31.61 4.22
CA ILE B 130 -17.28 31.15 3.18
C ILE B 130 -17.17 29.62 3.21
N MET B 131 -17.39 28.97 2.06
CA MET B 131 -17.47 27.50 1.95
C MET B 131 -16.74 26.97 0.71
N ASP B 132 -16.45 25.66 0.71
CA ASP B 132 -15.83 24.98 -0.45
C ASP B 132 -16.59 25.22 -1.75
N ARG B 133 -15.85 25.27 -2.85
CA ARG B 133 -16.42 25.28 -4.20
C ARG B 133 -16.43 23.85 -4.67
N PHE B 134 -17.60 23.40 -5.14
CA PHE B 134 -17.77 22.06 -5.67
C PHE B 134 -17.99 22.07 -7.18
N GLY B 135 -18.06 20.87 -7.76
CA GLY B 135 -18.43 20.72 -9.17
C GLY B 135 -19.94 20.76 -9.34
N SER B 136 -20.45 19.85 -10.18
CA SER B 136 -21.88 19.81 -10.53
C SER B 136 -22.73 19.25 -9.39
N ASP B 137 -23.98 19.70 -9.29
CA ASP B 137 -24.97 19.01 -8.44
C ASP B 137 -25.42 17.75 -9.17
N LEU B 138 -25.98 16.81 -8.42
CA LEU B 138 -26.47 15.55 -9.00
C LEU B 138 -27.80 15.69 -9.73
N GLN B 139 -28.57 16.74 -9.46
CA GLN B 139 -29.82 16.97 -10.19
C GLN B 139 -29.52 17.18 -11.69
N LYS B 140 -28.50 17.96 -11.98
CA LYS B 140 -28.09 18.22 -13.35
C LYS B 140 -27.66 16.94 -14.03
N ILE B 141 -26.95 16.07 -13.32
CA ILE B 141 -26.45 14.81 -13.88
C ILE B 141 -27.59 13.81 -14.06
N TYR B 142 -28.44 13.70 -13.04
CA TYR B 142 -29.67 12.91 -13.08
C TYR B 142 -30.51 13.23 -14.31
N GLU B 143 -30.80 14.53 -14.50
CA GLU B 143 -31.57 15.02 -15.64
C GLU B 143 -30.89 14.68 -16.97
N ALA B 144 -29.59 14.93 -17.05
CA ALA B 144 -28.81 14.63 -18.25
C ALA B 144 -28.83 13.15 -18.64
N ASN B 145 -28.94 12.24 -17.67
CA ASN B 145 -29.09 10.79 -17.97
C ASN B 145 -30.57 10.31 -18.05
N ALA B 146 -31.50 11.21 -18.35
CA ALA B 146 -32.92 10.90 -18.52
C ALA B 146 -33.60 10.45 -17.23
N LYS B 147 -33.22 11.10 -16.12
CA LYS B 147 -33.83 10.85 -14.81
C LYS B 147 -33.67 9.41 -14.31
N ARG B 148 -32.50 8.81 -14.56
CA ARG B 148 -32.12 7.51 -14.00
C ARG B 148 -30.67 7.54 -13.51
N PHE B 149 -30.41 6.85 -12.41
CA PHE B 149 -29.06 6.46 -12.03
C PHE B 149 -29.02 4.93 -12.04
N SER B 150 -27.85 4.37 -12.37
CA SER B 150 -27.66 2.93 -12.34
C SER B 150 -27.78 2.42 -10.90
N ARG B 151 -28.17 1.17 -10.75
CA ARG B 151 -28.23 0.53 -9.43
C ARG B 151 -26.88 0.66 -8.69
N LYS B 152 -25.81 0.27 -9.37
CA LYS B 152 -24.43 0.55 -8.91
C LYS B 152 -24.31 1.95 -8.33
N THR B 153 -24.60 2.97 -9.14
CA THR B 153 -24.43 4.37 -8.74
C THR B 153 -25.20 4.71 -7.47
N VAL B 154 -26.47 4.28 -7.43
CA VAL B 154 -27.36 4.57 -6.30
C VAL B 154 -26.78 3.97 -5.03
N LEU B 155 -26.34 2.72 -5.11
CA LEU B 155 -25.77 2.03 -3.95
C LEU B 155 -24.51 2.71 -3.41
N GLN B 156 -23.68 3.23 -4.30
CA GLN B 156 -22.45 3.93 -3.93
C GLN B 156 -22.71 5.32 -3.37
N LEU B 157 -23.74 6.01 -3.88
CA LEU B 157 -24.16 7.30 -3.31
C LEU B 157 -24.72 7.17 -1.90
N SER B 158 -25.52 6.13 -1.69
CA SER B 158 -26.19 5.92 -0.41
C SER B 158 -25.21 5.55 0.70
N LEU B 159 -24.26 4.68 0.40
CA LEU B 159 -23.14 4.39 1.32
C LEU B 159 -22.38 5.63 1.83
N ARG B 160 -22.14 6.58 0.94
CA ARG B 160 -21.40 7.79 1.29
C ARG B 160 -22.30 8.77 2.04
N ILE B 161 -23.58 8.79 1.68
CA ILE B 161 -24.56 9.61 2.43
C ILE B 161 -24.79 9.02 3.84
N LEU B 162 -24.82 7.70 3.96
CA LEU B 162 -24.88 7.09 5.29
C LEU B 162 -23.72 7.51 6.17
N ASP B 163 -22.50 7.57 5.63
CA ASP B 163 -21.33 8.10 6.34
C ASP B 163 -21.58 9.50 6.85
N ILE B 164 -22.07 10.37 5.97
CA ILE B 164 -22.34 11.76 6.32
C ILE B 164 -23.41 11.82 7.39
N LEU B 165 -24.48 11.05 7.21
CA LEU B 165 -25.60 11.08 8.12
C LEU B 165 -25.18 10.56 9.50
N GLU B 166 -24.46 9.44 9.57
CA GLU B 166 -23.92 8.97 10.85
C GLU B 166 -23.13 10.08 11.55
N TYR B 167 -22.24 10.75 10.80
CA TYR B 167 -21.44 11.85 11.34
C TYR B 167 -22.31 12.92 11.98
N ILE B 168 -23.25 13.48 11.20
CA ILE B 168 -24.05 14.62 11.70
C ILE B 168 -24.94 14.17 12.86
N HIS B 169 -25.49 12.97 12.77
CA HIS B 169 -26.30 12.40 13.86
C HIS B 169 -25.54 12.27 15.16
N GLU B 170 -24.30 11.82 15.07
CA GLU B 170 -23.45 11.68 16.25
C GLU B 170 -22.97 13.03 16.78
N HIS B 171 -23.06 14.09 15.96
CA HIS B 171 -22.86 15.46 16.45
C HIS B 171 -24.17 16.23 16.65
N GLU B 172 -25.24 15.51 17.01
CA GLU B 172 -26.49 16.07 17.51
C GLU B 172 -27.39 16.75 16.46
N TYR B 173 -27.17 16.49 15.18
CA TYR B 173 -27.87 17.18 14.09
C TYR B 173 -28.50 16.20 13.10
N VAL B 174 -29.64 16.60 12.53
CA VAL B 174 -30.19 15.97 11.32
C VAL B 174 -30.29 17.00 10.20
N HIS B 175 -30.20 16.53 8.97
CA HIS B 175 -30.23 17.38 7.80
C HIS B 175 -31.66 17.76 7.42
N GLY B 176 -32.50 16.76 7.18
CA GLY B 176 -33.93 16.95 6.87
C GLY B 176 -34.34 17.28 5.44
N ASP B 177 -33.38 17.37 4.53
CA ASP B 177 -33.65 17.81 3.15
C ASP B 177 -32.61 17.26 2.16
N ILE B 178 -32.39 15.96 2.24
CA ILE B 178 -31.50 15.26 1.35
C ILE B 178 -32.20 15.09 0.02
N LYS B 179 -31.55 15.52 -1.06
CA LYS B 179 -32.07 15.35 -2.43
C LYS B 179 -30.92 15.61 -3.39
N ALA B 180 -31.04 15.16 -4.63
CA ALA B 180 -29.97 15.34 -5.61
C ALA B 180 -29.49 16.81 -5.75
N SER B 181 -30.38 17.79 -5.63
CA SER B 181 -29.97 19.19 -5.72
C SER B 181 -29.20 19.70 -4.48
N ASN B 182 -29.19 18.93 -3.40
CA ASN B 182 -28.38 19.24 -2.22
C ASN B 182 -27.12 18.37 -2.11
N LEU B 183 -26.80 17.63 -3.19
CA LEU B 183 -25.62 16.78 -3.26
C LEU B 183 -24.71 17.23 -4.39
N LEU B 184 -23.54 17.76 -4.04
CA LEU B 184 -22.57 18.28 -5.03
C LEU B 184 -21.30 17.44 -5.05
N LEU B 185 -20.82 17.10 -6.26
CA LEU B 185 -19.54 16.41 -6.44
C LEU B 185 -18.35 17.32 -6.10
N ASN B 186 -17.23 16.75 -5.66
CA ASN B 186 -16.02 17.55 -5.39
C ASN B 186 -15.45 18.13 -6.70
N TYR B 187 -15.05 19.40 -6.66
CA TYR B 187 -14.47 20.13 -7.81
C TYR B 187 -13.34 19.35 -8.50
N LYS B 188 -12.49 18.71 -7.68
CA LYS B 188 -11.36 17.90 -8.17
C LYS B 188 -11.57 16.37 -8.20
N ASN B 189 -12.69 15.87 -7.66
CA ASN B 189 -12.93 14.41 -7.58
C ASN B 189 -14.41 14.04 -7.79
N PRO B 190 -14.78 13.53 -8.99
CA PRO B 190 -16.18 13.17 -9.29
C PRO B 190 -16.67 11.79 -8.79
N ASP B 191 -15.83 11.11 -7.99
CA ASP B 191 -16.26 9.93 -7.21
C ASP B 191 -16.53 10.29 -5.74
N GLN B 192 -16.45 11.57 -5.38
CA GLN B 192 -16.72 12.05 -4.03
C GLN B 192 -17.85 13.06 -4.01
N VAL B 193 -18.90 12.74 -3.25
CA VAL B 193 -20.11 13.56 -3.17
C VAL B 193 -20.28 14.11 -1.76
N TYR B 194 -20.78 15.35 -1.70
CA TYR B 194 -20.92 16.10 -0.47
C TYR B 194 -22.37 16.52 -0.28
N LEU B 195 -22.85 16.49 0.97
CA LEU B 195 -24.20 16.97 1.31
C LEU B 195 -24.12 18.43 1.77
N VAL B 196 -24.74 19.32 1.00
CA VAL B 196 -24.70 20.75 1.28
C VAL B 196 -26.06 21.24 1.78
N ASP B 197 -26.07 22.50 2.22
CA ASP B 197 -27.29 23.19 2.64
C ASP B 197 -27.89 22.60 3.93
N TYR B 198 -27.36 23.08 5.05
CA TYR B 198 -27.85 22.75 6.38
C TYR B 198 -28.78 23.84 6.93
N GLY B 199 -29.52 24.51 6.04
CA GLY B 199 -30.46 25.57 6.44
C GLY B 199 -31.75 25.10 7.09
N LEU B 200 -32.18 23.87 6.77
CA LEU B 200 -33.27 23.18 7.50
C LEU B 200 -32.73 22.22 8.57
N ALA B 201 -31.44 22.30 8.90
CA ALA B 201 -30.82 21.35 9.79
C ALA B 201 -31.33 21.57 11.20
N TYR B 202 -31.39 20.50 11.97
CA TYR B 202 -32.06 20.56 13.25
C TYR B 202 -31.28 19.83 14.32
N ARG B 203 -31.19 20.46 15.48
CA ARG B 203 -30.45 19.93 16.59
C ARG B 203 -31.36 19.05 17.43
N TYR B 204 -31.50 17.80 17.02
CA TYR B 204 -32.40 16.85 17.66
C TYR B 204 -31.97 16.38 19.06
N CYS B 205 -30.70 16.58 19.43
CA CYS B 205 -30.14 15.94 20.61
C CYS B 205 -29.19 16.85 21.41
N PRO B 206 -29.70 18.01 21.88
CA PRO B 206 -28.84 18.93 22.61
C PRO B 206 -28.29 18.36 23.93
N GLU B 207 -26.96 18.29 24.02
CA GLU B 207 -26.22 17.74 25.16
C GLU B 207 -26.64 16.29 25.46
N GLY B 208 -26.88 15.52 24.40
CA GLY B 208 -27.32 14.13 24.50
C GLY B 208 -28.70 13.90 25.07
N VAL B 209 -29.64 14.80 24.81
CA VAL B 209 -31.02 14.70 25.28
C VAL B 209 -31.95 14.86 24.08
N HIS B 210 -32.50 13.74 23.62
CA HIS B 210 -33.31 13.71 22.40
C HIS B 210 -34.58 14.53 22.61
N LYS B 211 -34.99 15.29 21.60
CA LYS B 211 -36.25 16.04 21.68
C LYS B 211 -37.43 15.08 21.77
N ALA B 212 -38.43 15.44 22.57
CA ALA B 212 -39.62 14.59 22.72
C ALA B 212 -40.50 14.67 21.48
N TYR B 213 -41.26 13.59 21.22
CA TYR B 213 -42.23 13.58 20.13
C TYR B 213 -43.39 14.51 20.43
N ALA B 214 -43.66 15.44 19.51
CA ALA B 214 -44.73 16.43 19.69
C ALA B 214 -45.11 17.02 18.35
N ALA B 215 -46.37 16.87 17.95
CA ALA B 215 -46.83 17.41 16.66
C ALA B 215 -47.15 18.89 16.84
N ASP B 216 -46.51 19.75 16.03
CA ASP B 216 -46.73 21.19 16.03
C ASP B 216 -47.35 21.59 14.68
N PRO B 217 -48.51 22.29 14.69
CA PRO B 217 -49.13 22.83 13.47
C PRO B 217 -48.22 23.65 12.56
N LYS B 218 -47.29 24.40 13.15
CA LYS B 218 -46.42 25.30 12.39
C LYS B 218 -45.39 24.55 11.56
N ARG B 219 -44.96 23.39 12.02
CA ARG B 219 -43.93 22.56 11.35
C ARG B 219 -44.43 21.66 10.23
N CYS B 220 -45.75 21.47 10.10
CA CYS B 220 -46.26 20.48 9.14
C CYS B 220 -45.71 20.70 7.73
N HIS B 221 -45.19 19.61 7.16
CA HIS B 221 -44.67 19.58 5.79
C HIS B 221 -43.38 20.42 5.62
N ASP B 222 -42.56 20.47 6.67
CA ASP B 222 -41.18 20.95 6.55
C ASP B 222 -40.44 20.06 5.56
N GLY B 223 -39.47 20.67 4.87
CA GLY B 223 -38.68 19.99 3.86
C GLY B 223 -39.27 20.06 2.47
N THR B 224 -38.70 19.27 1.57
CA THR B 224 -39.18 19.12 0.21
C THR B 224 -40.27 18.04 0.19
N ILE B 225 -41.47 18.44 -0.22
CA ILE B 225 -42.70 17.65 -0.05
C ILE B 225 -42.61 16.23 -0.64
N GLU B 226 -42.01 16.08 -1.81
CA GLU B 226 -41.88 14.74 -2.43
C GLU B 226 -41.04 13.76 -1.61
N PHE B 227 -39.95 14.24 -1.01
CA PHE B 227 -38.98 13.39 -0.31
C PHE B 227 -39.04 13.42 1.22
N THR B 228 -39.74 14.40 1.81
CA THR B 228 -39.71 14.62 3.26
C THR B 228 -40.31 13.44 4.05
N SER B 229 -40.02 13.39 5.34
CA SER B 229 -40.46 12.28 6.17
C SER B 229 -41.93 12.42 6.57
N ILE B 230 -42.52 11.30 6.98
CA ILE B 230 -43.84 11.25 7.59
C ILE B 230 -43.88 12.10 8.87
N ASP B 231 -42.85 11.98 9.70
CA ASP B 231 -42.71 12.81 10.90
C ASP B 231 -42.86 14.30 10.56
N ALA B 232 -42.15 14.73 9.52
CA ALA B 232 -42.17 16.13 9.04
C ALA B 232 -43.56 16.54 8.57
N HIS B 233 -44.22 15.64 7.85
CA HIS B 233 -45.62 15.82 7.43
C HIS B 233 -46.57 16.06 8.62
N ASN B 234 -46.39 15.27 9.69
CA ASN B 234 -47.23 15.41 10.88
C ASN B 234 -46.87 16.62 11.76
N GLY B 235 -45.87 17.40 11.39
CA GLY B 235 -45.45 18.55 12.20
C GLY B 235 -44.55 18.20 13.36
N VAL B 236 -43.91 17.02 13.29
CA VAL B 236 -43.00 16.56 14.33
C VAL B 236 -41.59 16.98 13.93
N ALA B 237 -40.82 17.40 14.92
CA ALA B 237 -39.42 17.77 14.72
C ALA B 237 -38.64 16.59 14.14
N PRO B 238 -37.80 16.86 13.12
CA PRO B 238 -37.12 15.73 12.46
C PRO B 238 -36.11 15.06 13.38
N SER B 239 -35.99 13.74 13.25
CA SER B 239 -35.01 12.93 14.00
C SER B 239 -34.30 11.99 13.02
N ARG B 240 -33.51 11.05 13.52
CA ARG B 240 -32.60 10.29 12.65
C ARG B 240 -33.36 9.43 11.65
N ARG B 241 -34.48 8.85 12.07
CA ARG B 241 -35.22 7.97 11.19
C ARG B 241 -35.78 8.74 9.98
N GLY B 242 -36.17 9.99 10.19
CA GLY B 242 -36.60 10.86 9.10
C GLY B 242 -35.57 11.02 8.00
N ASP B 243 -34.31 11.28 8.38
CA ASP B 243 -33.19 11.43 7.42
C ASP B 243 -33.06 10.18 6.58
N LEU B 244 -33.10 9.03 7.24
CA LEU B 244 -32.95 7.74 6.56
C LEU B 244 -34.15 7.43 5.65
N GLU B 245 -35.34 7.85 6.08
CA GLU B 245 -36.54 7.73 5.26
C GLU B 245 -36.39 8.54 3.97
N ILE B 246 -35.96 9.79 4.11
CA ILE B 246 -35.73 10.70 2.98
C ILE B 246 -34.73 10.10 1.97
N LEU B 247 -33.66 9.49 2.48
CA LEU B 247 -32.69 8.81 1.63
C LEU B 247 -33.38 7.68 0.87
N GLY B 248 -34.24 6.94 1.55
CA GLY B 248 -35.02 5.87 0.91
C GLY B 248 -35.86 6.34 -0.28
N TYR B 249 -36.56 7.46 -0.11
CA TYR B 249 -37.38 8.01 -1.20
C TYR B 249 -36.52 8.52 -2.33
N CYS B 250 -35.43 9.22 -2.01
CA CYS B 250 -34.43 9.59 -3.01
C CYS B 250 -33.91 8.37 -3.81
N MET B 251 -33.62 7.27 -3.11
CA MET B 251 -33.10 6.07 -3.77
C MET B 251 -34.07 5.54 -4.83
N ILE B 252 -35.36 5.50 -4.50
CA ILE B 252 -36.40 5.04 -5.43
C ILE B 252 -36.58 6.01 -6.60
N GLN B 253 -36.67 7.32 -6.30
CA GLN B 253 -36.70 8.37 -7.32
C GLN B 253 -35.56 8.20 -8.34
N TRP B 254 -34.36 7.96 -7.83
CA TRP B 254 -33.16 7.81 -8.68
C TRP B 254 -33.16 6.54 -9.54
N LEU B 255 -33.59 5.42 -8.97
CA LEU B 255 -33.62 4.15 -9.70
C LEU B 255 -34.66 4.13 -10.82
N THR B 256 -35.81 4.73 -10.55
CA THR B 256 -37.02 4.52 -11.35
C THR B 256 -37.53 5.74 -12.11
N GLY B 257 -37.06 6.95 -11.75
CA GLY B 257 -37.55 8.19 -12.33
C GLY B 257 -38.82 8.76 -11.69
N HIS B 258 -39.44 8.01 -10.79
CA HIS B 258 -40.75 8.34 -10.27
C HIS B 258 -40.91 8.02 -8.79
N LEU B 259 -41.92 8.66 -8.20
CA LEU B 259 -42.44 8.30 -6.90
C LEU B 259 -43.96 8.34 -7.01
N PRO B 260 -44.66 7.39 -6.38
CA PRO B 260 -46.12 7.25 -6.58
C PRO B 260 -46.96 8.51 -6.34
N TRP B 261 -46.52 9.35 -5.39
CA TRP B 261 -47.24 10.57 -4.97
C TRP B 261 -46.87 11.83 -5.77
N GLU B 262 -46.02 11.70 -6.77
CA GLU B 262 -45.54 12.85 -7.56
C GLU B 262 -46.62 13.50 -8.41
N ASP B 263 -47.71 12.77 -8.66
CA ASP B 263 -48.84 13.27 -9.44
C ASP B 263 -49.67 14.38 -8.76
N ASN B 264 -49.50 14.58 -7.45
CA ASN B 264 -50.41 15.47 -6.71
C ASN B 264 -49.69 16.07 -5.49
N LEU B 265 -48.55 16.69 -5.76
CA LEU B 265 -47.72 17.31 -4.72
C LEU B 265 -48.28 18.65 -4.22
N LYS B 266 -49.30 19.19 -4.91
CA LYS B 266 -50.04 20.36 -4.41
C LYS B 266 -51.02 20.05 -3.26
N ASP B 267 -51.22 18.77 -2.94
CA ASP B 267 -52.07 18.33 -1.82
C ASP B 267 -51.19 17.63 -0.76
N PRO B 268 -50.69 18.39 0.23
CA PRO B 268 -49.79 17.82 1.22
C PRO B 268 -50.38 16.70 2.06
N LYS B 269 -51.68 16.78 2.35
CA LYS B 269 -52.37 15.72 3.08
C LYS B 269 -52.35 14.41 2.28
N TYR B 270 -52.58 14.50 0.97
CA TYR B 270 -52.50 13.32 0.10
C TYR B 270 -51.10 12.68 0.11
N VAL B 271 -50.05 13.50 -0.02
CA VAL B 271 -48.67 13.02 -0.05
C VAL B 271 -48.35 12.28 1.26
N ARG B 272 -48.71 12.89 2.38
CA ARG B 272 -48.59 12.27 3.69
C ARG B 272 -49.25 10.90 3.73
N ASP B 273 -50.55 10.86 3.39
CA ASP B 273 -51.36 9.64 3.48
C ASP B 273 -50.84 8.54 2.57
N SER B 274 -50.31 8.95 1.43
CA SER B 274 -49.71 8.02 0.47
C SER B 274 -48.47 7.36 1.09
N LYS B 275 -47.57 8.17 1.68
CA LYS B 275 -46.38 7.65 2.33
C LYS B 275 -46.73 6.77 3.52
N ILE B 276 -47.70 7.20 4.34
CA ILE B 276 -48.21 6.38 5.45
C ILE B 276 -48.78 5.05 4.96
N ARG B 277 -49.53 5.08 3.86
CA ARG B 277 -50.08 3.87 3.26
C ARG B 277 -49.00 2.92 2.75
N TYR B 278 -47.96 3.47 2.13
CA TYR B 278 -46.87 2.67 1.55
C TYR B 278 -45.82 2.20 2.57
N ARG B 279 -45.86 2.79 3.76
CA ARG B 279 -45.08 2.33 4.90
C ARG B 279 -45.79 1.15 5.56
N GLU B 280 -47.11 1.29 5.76
CA GLU B 280 -47.96 0.15 6.18
C GLU B 280 -47.73 -1.10 5.31
N ASN B 281 -47.51 -0.90 4.01
CA ASN B 281 -47.41 -1.98 3.03
C ASN B 281 -46.25 -1.72 2.03
N ILE B 282 -45.04 -2.10 2.45
CA ILE B 282 -43.83 -1.94 1.63
C ILE B 282 -43.85 -2.85 0.39
N ALA B 283 -44.43 -4.04 0.52
CA ALA B 283 -44.70 -4.89 -0.67
C ALA B 283 -45.35 -4.10 -1.80
N SER B 284 -46.45 -3.40 -1.50
CA SER B 284 -47.19 -2.64 -2.52
C SER B 284 -46.43 -1.40 -3.05
N LEU B 285 -45.57 -0.82 -2.23
CA LEU B 285 -44.65 0.25 -2.68
C LEU B 285 -43.66 -0.25 -3.73
N MET B 286 -43.06 -1.42 -3.49
CA MET B 286 -42.13 -2.06 -4.45
C MET B 286 -42.84 -2.37 -5.76
N ASP B 287 -44.04 -2.93 -5.67
CA ASP B 287 -44.84 -3.24 -6.85
C ASP B 287 -45.24 -2.01 -7.66
N LYS B 288 -45.61 -0.93 -6.95
CA LYS B 288 -45.90 0.35 -7.60
C LYS B 288 -44.69 0.94 -8.34
N CYS B 289 -43.53 0.99 -7.68
CA CYS B 289 -42.34 1.68 -8.22
C CYS B 289 -41.47 0.82 -9.14
N PHE B 290 -41.59 -0.50 -9.00
CA PHE B 290 -40.87 -1.46 -9.83
C PHE B 290 -41.90 -2.43 -10.41
N PRO B 291 -42.78 -1.91 -11.29
CA PRO B 291 -43.84 -2.75 -11.83
C PRO B 291 -43.26 -3.72 -12.86
N ALA B 292 -43.93 -4.85 -13.02
CA ALA B 292 -43.46 -5.87 -13.96
C ALA B 292 -41.93 -6.11 -13.83
N ALA B 293 -41.45 -6.28 -12.61
CA ALA B 293 -40.02 -6.45 -12.35
C ALA B 293 -39.77 -7.09 -10.99
N ASN B 294 -38.49 -7.29 -10.70
CA ASN B 294 -38.01 -7.41 -9.33
C ASN B 294 -37.69 -5.98 -8.88
N ALA B 295 -38.19 -5.62 -7.70
CA ALA B 295 -37.60 -4.54 -6.95
C ALA B 295 -36.27 -5.09 -6.44
N PRO B 296 -35.20 -4.26 -6.42
CA PRO B 296 -33.97 -4.69 -5.76
C PRO B 296 -34.21 -5.00 -4.26
N GLY B 297 -33.83 -6.20 -3.84
CA GLY B 297 -34.10 -6.67 -2.49
C GLY B 297 -33.49 -5.83 -1.38
N GLU B 298 -32.38 -5.16 -1.68
CA GLU B 298 -31.74 -4.23 -0.73
C GLU B 298 -32.55 -2.96 -0.45
N ILE B 299 -33.30 -2.49 -1.45
CA ILE B 299 -34.19 -1.34 -1.29
C ILE B 299 -35.40 -1.75 -0.44
N ALA B 300 -35.92 -2.96 -0.63
CA ALA B 300 -37.02 -3.43 0.21
C ALA B 300 -36.57 -3.63 1.65
N LYS B 301 -35.37 -4.16 1.84
CA LYS B 301 -34.81 -4.40 3.19
C LYS B 301 -34.43 -3.10 3.90
N TYR B 302 -33.91 -2.12 3.16
CA TYR B 302 -33.68 -0.79 3.69
C TYR B 302 -34.99 -0.16 4.20
N MET B 303 -36.04 -0.21 3.38
CA MET B 303 -37.33 0.37 3.75
C MET B 303 -37.93 -0.38 4.96
N GLU B 304 -37.85 -1.70 4.96
CA GLU B 304 -38.28 -2.47 6.12
C GLU B 304 -37.52 -2.06 7.37
N THR B 305 -36.21 -1.86 7.25
CA THR B 305 -35.39 -1.54 8.40
C THR B 305 -35.68 -0.15 8.97
N VAL B 306 -35.85 0.84 8.07
CA VAL B 306 -36.25 2.19 8.46
C VAL B 306 -37.63 2.20 9.13
N LYS B 307 -38.53 1.35 8.66
CA LYS B 307 -39.87 1.20 9.28
C LYS B 307 -39.80 0.73 10.75
N LEU B 308 -38.79 -0.07 11.10
CA LEU B 308 -38.62 -0.53 12.47
C LEU B 308 -38.18 0.57 13.45
N LEU B 309 -37.63 1.66 12.96
CA LEU B 309 -37.15 2.72 13.85
C LEU B 309 -38.25 3.52 14.54
N ASP B 310 -38.16 3.56 15.86
CA ASP B 310 -38.87 4.55 16.67
C ASP B 310 -38.27 5.94 16.50
N TYR B 311 -39.07 6.93 16.86
CA TYR B 311 -38.73 8.35 16.73
C TYR B 311 -37.36 8.71 17.31
N THR B 312 -37.10 8.24 18.53
CA THR B 312 -35.87 8.54 19.26
C THR B 312 -34.77 7.48 19.12
N GLU B 313 -35.02 6.44 18.32
CA GLU B 313 -34.13 5.28 18.23
C GLU B 313 -32.84 5.61 17.47
N LYS B 314 -31.72 5.10 17.97
CA LYS B 314 -30.47 5.18 17.27
C LYS B 314 -30.43 4.05 16.23
N PRO B 315 -30.22 4.40 14.93
CA PRO B 315 -30.07 3.34 13.94
C PRO B 315 -28.79 2.54 14.13
N LEU B 316 -28.88 1.26 13.74
CA LEU B 316 -27.74 0.41 13.48
C LEU B 316 -27.22 0.73 12.08
N TYR B 317 -26.34 1.71 12.00
CA TYR B 317 -25.78 2.19 10.72
C TYR B 317 -25.03 1.08 9.96
N GLU B 318 -24.38 0.18 10.72
CA GLU B 318 -23.66 -0.95 10.15
C GLU B 318 -24.56 -1.98 9.49
N ASN B 319 -25.71 -2.28 10.10
CA ASN B 319 -26.70 -3.17 9.50
C ASN B 319 -27.24 -2.59 8.17
N LEU B 320 -27.41 -1.28 8.10
CA LEU B 320 -27.87 -0.61 6.86
C LEU B 320 -26.84 -0.68 5.75
N ARG B 321 -25.58 -0.42 6.10
CA ARG B 321 -24.47 -0.57 5.17
C ARG B 321 -24.37 -1.99 4.61
N ASP B 322 -24.44 -2.99 5.47
CA ASP B 322 -24.37 -4.39 5.01
C ASP B 322 -25.55 -4.75 4.10
N ILE B 323 -26.72 -4.16 4.33
CA ILE B 323 -27.86 -4.28 3.39
C ILE B 323 -27.51 -3.74 1.99
N LEU B 324 -26.93 -2.53 1.93
CA LEU B 324 -26.54 -1.94 0.64
C LEU B 324 -25.39 -2.71 -0.04
N LEU B 325 -24.41 -3.13 0.76
CA LEU B 325 -23.30 -3.99 0.29
C LEU B 325 -23.75 -5.36 -0.22
N GLN B 326 -24.72 -5.98 0.45
CA GLN B 326 -25.37 -7.20 -0.07
C GLN B 326 -25.99 -6.97 -1.47
N GLY B 327 -26.50 -5.75 -1.70
CA GLY B 327 -26.91 -5.32 -3.04
C GLY B 327 -25.77 -5.23 -4.06
N LEU B 328 -24.65 -4.64 -3.69
CA LEU B 328 -23.47 -4.60 -4.57
C LEU B 328 -22.96 -6.00 -4.92
N LYS B 329 -22.94 -6.89 -3.94
CA LYS B 329 -22.57 -8.30 -4.16
C LYS B 329 -23.49 -8.98 -5.17
N ALA B 330 -24.79 -8.71 -5.06
CA ALA B 330 -25.79 -9.31 -5.94
C ALA B 330 -25.71 -8.87 -7.41
N ILE B 331 -25.08 -7.72 -7.68
CA ILE B 331 -24.86 -7.25 -9.05
C ILE B 331 -23.41 -7.44 -9.57
N GLY B 332 -22.63 -8.28 -8.88
CA GLY B 332 -21.25 -8.56 -9.29
C GLY B 332 -20.30 -7.37 -9.15
N SER B 333 -20.37 -6.71 -8.00
CA SER B 333 -19.59 -5.51 -7.72
C SER B 333 -19.26 -5.43 -6.23
N LYS B 334 -18.68 -4.31 -5.81
CA LYS B 334 -18.21 -4.11 -4.43
C LYS B 334 -18.03 -2.62 -4.18
N ASP B 335 -17.93 -2.25 -2.91
CA ASP B 335 -17.71 -0.85 -2.54
C ASP B 335 -16.29 -0.45 -2.92
N ASP B 336 -16.14 0.01 -4.16
CA ASP B 336 -14.85 0.50 -4.67
C ASP B 336 -14.83 2.03 -4.81
N GLY B 337 -15.75 2.70 -4.14
CA GLY B 337 -15.87 4.16 -4.20
C GLY B 337 -16.24 4.77 -5.56
N LYS B 338 -16.63 3.93 -6.54
CA LYS B 338 -16.88 4.39 -7.92
C LYS B 338 -18.36 4.71 -8.11
N LEU B 339 -18.65 5.94 -8.53
CA LEU B 339 -20.04 6.38 -8.70
C LEU B 339 -20.62 6.10 -10.09
N ASP B 340 -19.78 5.77 -11.08
CA ASP B 340 -20.23 5.39 -12.45
C ASP B 340 -21.09 6.48 -13.12
N LEU B 341 -20.74 7.74 -12.87
CA LEU B 341 -21.52 8.87 -13.41
C LEU B 341 -21.07 9.21 -14.84
N GLU C 21 -6.09 -36.62 -47.54
CA GLU C 21 -6.77 -37.93 -47.26
C GLU C 21 -7.75 -38.00 -46.07
N GLN C 22 -7.91 -36.92 -45.30
CA GLN C 22 -8.64 -36.97 -44.02
C GLN C 22 -10.14 -36.75 -44.15
N PHE C 23 -10.51 -35.77 -44.95
CA PHE C 23 -11.89 -35.47 -45.28
C PHE C 23 -12.03 -35.47 -46.79
N ALA C 24 -13.22 -35.85 -47.26
CA ALA C 24 -13.58 -35.64 -48.65
C ALA C 24 -13.94 -34.17 -48.79
N VAL C 25 -13.72 -33.63 -49.99
CA VAL C 25 -14.13 -32.27 -50.34
C VAL C 25 -15.65 -32.29 -50.46
N GLY C 26 -16.31 -31.37 -49.76
CA GLY C 26 -17.77 -31.37 -49.66
C GLY C 26 -18.34 -32.03 -48.40
N GLU C 27 -17.51 -32.82 -47.70
CA GLU C 27 -17.95 -33.54 -46.50
C GLU C 27 -18.46 -32.61 -45.39
N ILE C 28 -19.53 -33.03 -44.71
CA ILE C 28 -20.09 -32.29 -43.59
C ILE C 28 -19.57 -32.88 -42.29
N ILE C 29 -19.10 -32.00 -41.40
CA ILE C 29 -18.59 -32.41 -40.08
C ILE C 29 -19.27 -31.60 -38.99
N THR C 30 -19.49 -32.27 -37.86
CA THR C 30 -20.19 -31.72 -36.70
C THR C 30 -19.18 -31.63 -35.57
N ASP C 31 -19.00 -30.44 -35.01
CA ASP C 31 -18.08 -30.28 -33.89
C ASP C 31 -18.71 -30.70 -32.56
N MET C 32 -17.91 -30.68 -31.49
CA MET C 32 -18.33 -31.01 -30.11
C MET C 32 -19.62 -30.31 -29.66
N ALA C 33 -19.73 -29.03 -29.99
CA ALA C 33 -20.92 -28.23 -29.65
C ALA C 33 -22.10 -28.49 -30.61
N ALA C 34 -21.94 -29.42 -31.55
CA ALA C 34 -22.97 -29.79 -32.51
C ALA C 34 -23.18 -28.76 -33.64
N ALA C 35 -22.17 -27.95 -33.93
CA ALA C 35 -22.26 -27.01 -35.04
C ALA C 35 -21.72 -27.66 -36.31
N ALA C 36 -22.48 -27.46 -37.41
CA ALA C 36 -22.21 -28.11 -38.69
C ALA C 36 -21.26 -27.28 -39.55
N TRP C 37 -20.30 -27.95 -40.19
CA TRP C 37 -19.35 -27.30 -41.08
C TRP C 37 -19.19 -28.13 -42.35
N LYS C 38 -18.89 -27.45 -43.46
CA LYS C 38 -18.59 -28.11 -44.72
C LYS C 38 -17.11 -27.92 -45.00
N VAL C 39 -16.47 -28.98 -45.49
CA VAL C 39 -15.04 -28.96 -45.82
C VAL C 39 -14.82 -28.68 -47.31
N GLY C 40 -13.84 -27.81 -47.60
CA GLY C 40 -13.42 -27.49 -48.97
C GLY C 40 -12.11 -28.17 -49.35
N LEU C 41 -11.29 -27.49 -50.14
CA LEU C 41 -10.04 -28.06 -50.66
C LEU C 41 -8.94 -28.10 -49.61
N PRO C 42 -7.99 -29.06 -49.74
CA PRO C 42 -6.79 -29.00 -48.89
C PRO C 42 -5.96 -27.74 -49.16
N ILE C 43 -5.66 -26.98 -48.10
CA ILE C 43 -4.76 -25.83 -48.14
C ILE C 43 -3.30 -26.28 -48.04
N GLY C 44 -3.06 -27.42 -47.38
CA GLY C 44 -1.72 -28.01 -47.27
C GLY C 44 -1.49 -28.72 -45.93
N CYS C 50 -1.86 -31.61 -42.08
CA CYS C 50 -3.18 -31.67 -42.70
C CYS C 50 -4.06 -30.45 -42.33
N ILE C 51 -4.45 -29.65 -43.32
CA ILE C 51 -5.34 -28.47 -43.11
C ILE C 51 -6.22 -28.21 -44.34
N TYR C 52 -7.52 -27.98 -44.13
CA TYR C 52 -8.49 -27.74 -45.21
C TYR C 52 -9.16 -26.38 -45.06
N LEU C 53 -9.68 -25.85 -46.17
CA LEU C 53 -10.62 -24.74 -46.14
C LEU C 53 -11.97 -25.27 -45.65
N ALA C 54 -12.79 -24.38 -45.10
CA ALA C 54 -14.08 -24.79 -44.54
C ALA C 54 -15.02 -23.60 -44.39
N ASP C 55 -16.32 -23.92 -44.29
CA ASP C 55 -17.35 -22.91 -44.07
C ASP C 55 -18.50 -23.55 -43.30
N MET C 56 -19.45 -22.73 -42.85
CA MET C 56 -20.72 -23.25 -42.29
C MET C 56 -21.37 -24.23 -43.27
N ASN C 57 -22.11 -25.22 -42.76
CA ASN C 57 -22.84 -26.16 -43.62
C ASN C 57 -23.89 -25.41 -44.46
N SER C 58 -23.95 -25.75 -45.75
CA SER C 58 -24.91 -25.15 -46.70
C SER C 58 -25.01 -25.95 -48.01
N SER C 59 -25.92 -25.53 -48.89
CA SER C 59 -26.08 -26.12 -50.24
C SER C 59 -24.90 -25.82 -51.15
N GLU C 60 -24.45 -24.57 -51.15
CA GLU C 60 -23.28 -24.16 -51.93
C GLU C 60 -22.04 -24.90 -51.40
N SER C 61 -21.19 -25.38 -52.31
CA SER C 61 -19.92 -26.00 -51.94
C SER C 61 -18.92 -24.91 -51.55
N VAL C 62 -17.97 -25.27 -50.70
CA VAL C 62 -17.00 -24.31 -50.21
C VAL C 62 -16.07 -23.81 -51.30
N GLY C 63 -15.94 -22.50 -51.35
CA GLY C 63 -15.12 -21.80 -52.33
C GLY C 63 -13.71 -21.43 -51.96
N SER C 64 -13.05 -20.76 -52.90
CA SER C 64 -11.70 -20.25 -52.77
C SER C 64 -11.60 -19.20 -51.68
N ASP C 65 -12.65 -18.40 -51.53
CA ASP C 65 -12.68 -17.37 -50.51
C ASP C 65 -13.36 -17.81 -49.21
N ALA C 66 -13.23 -19.09 -48.86
CA ALA C 66 -13.80 -19.61 -47.62
C ALA C 66 -13.18 -18.87 -46.45
N PRO C 67 -14.01 -18.56 -45.45
CA PRO C 67 -13.54 -17.75 -44.33
C PRO C 67 -12.94 -18.57 -43.15
N CYS C 68 -12.86 -19.90 -43.27
CA CYS C 68 -12.31 -20.76 -42.21
C CYS C 68 -11.37 -21.83 -42.74
N VAL C 69 -10.69 -22.48 -41.80
CA VAL C 69 -9.90 -23.66 -42.07
C VAL C 69 -10.19 -24.66 -40.96
N VAL C 70 -10.17 -25.95 -41.30
CA VAL C 70 -10.17 -27.00 -40.30
C VAL C 70 -8.76 -27.60 -40.28
N LYS C 71 -8.11 -27.58 -39.11
CA LYS C 71 -6.80 -28.20 -38.92
C LYS C 71 -7.01 -29.57 -38.31
N VAL C 72 -6.31 -30.56 -38.84
CA VAL C 72 -6.41 -31.94 -38.38
C VAL C 72 -5.01 -32.47 -38.06
N GLU C 73 -4.88 -33.13 -36.91
CA GLU C 73 -3.66 -33.85 -36.50
C GLU C 73 -4.09 -35.07 -35.72
N PRO C 74 -3.19 -36.06 -35.56
CA PRO C 74 -3.54 -37.13 -34.61
C PRO C 74 -3.84 -36.59 -33.20
N SER C 75 -4.65 -37.31 -32.43
CA SER C 75 -4.96 -36.98 -31.04
C SER C 75 -3.74 -36.96 -30.12
N ASP C 76 -2.75 -37.82 -30.40
CA ASP C 76 -1.48 -37.86 -29.65
C ASP C 76 -0.62 -36.58 -29.80
N ASN C 77 -0.81 -35.84 -30.89
CA ASN C 77 -0.09 -34.58 -31.16
C ASN C 77 -0.26 -33.55 -30.04
N GLY C 78 0.85 -33.22 -29.38
CA GLY C 78 0.83 -32.30 -28.24
C GLY C 78 0.59 -30.83 -28.56
N PRO C 79 1.23 -30.30 -29.62
CA PRO C 79 1.04 -28.88 -29.95
C PRO C 79 -0.40 -28.49 -30.38
N LEU C 80 -1.15 -29.36 -31.05
CA LEU C 80 -2.52 -29.02 -31.42
C LEU C 80 -3.43 -28.99 -30.20
N PHE C 81 -3.19 -29.86 -29.23
CA PHE C 81 -3.84 -29.77 -27.94
C PHE C 81 -3.49 -28.45 -27.24
N THR C 82 -2.21 -28.10 -27.23
CA THR C 82 -1.77 -26.86 -26.59
C THR C 82 -2.45 -25.66 -27.24
N GLU C 83 -2.41 -25.62 -28.58
CA GLU C 83 -3.01 -24.55 -29.37
C GLU C 83 -4.54 -24.49 -29.20
N LEU C 84 -5.18 -25.65 -29.21
CA LEU C 84 -6.63 -25.73 -29.00
C LEU C 84 -7.03 -25.14 -27.62
N LYS C 85 -6.29 -25.54 -26.60
CA LYS C 85 -6.51 -25.00 -25.27
C LYS C 85 -6.39 -23.49 -25.25
N PHE C 86 -5.33 -22.94 -25.87
CA PHE C 86 -5.19 -21.49 -25.97
C PHE C 86 -6.41 -20.85 -26.66
N TYR C 87 -6.79 -21.42 -27.80
CA TYR C 87 -7.94 -20.91 -28.57
C TYR C 87 -9.25 -20.95 -27.78
N GLN C 88 -9.49 -22.06 -27.09
CA GLN C 88 -10.68 -22.20 -26.24
C GLN C 88 -10.70 -21.21 -25.08
N ARG C 89 -9.52 -20.92 -24.53
CA ARG C 89 -9.42 -20.06 -23.36
C ARG C 89 -9.44 -18.59 -23.70
N ALA C 90 -8.76 -18.21 -24.78
CA ALA C 90 -8.55 -16.80 -25.10
C ALA C 90 -9.20 -16.31 -26.40
N ALA C 91 -9.68 -17.20 -27.27
CA ALA C 91 -10.16 -16.78 -28.60
C ALA C 91 -11.62 -17.11 -28.92
N LYS C 92 -12.49 -17.04 -27.92
CA LYS C 92 -13.93 -17.18 -28.13
C LYS C 92 -14.44 -15.89 -28.83
N PRO C 93 -15.20 -16.02 -29.94
CA PRO C 93 -15.55 -14.84 -30.72
C PRO C 93 -16.14 -13.67 -29.91
N GLU C 94 -17.03 -13.98 -28.97
CA GLU C 94 -17.67 -12.93 -28.18
C GLU C 94 -16.68 -12.30 -27.20
N GLN C 95 -15.74 -13.11 -26.71
CA GLN C 95 -14.65 -12.67 -25.83
C GLN C 95 -13.77 -11.65 -26.53
N ILE C 96 -13.31 -11.97 -27.74
CA ILE C 96 -12.55 -11.03 -28.58
C ILE C 96 -13.34 -9.76 -28.92
N GLN C 97 -14.62 -9.90 -29.29
CA GLN C 97 -15.43 -8.74 -29.70
C GLN C 97 -15.70 -7.81 -28.51
N LYS C 98 -15.92 -8.38 -27.32
CA LYS C 98 -16.07 -7.58 -26.11
C LYS C 98 -14.81 -6.79 -25.78
N TRP C 99 -13.64 -7.39 -26.05
CA TRP C 99 -12.38 -6.72 -25.81
C TRP C 99 -12.20 -5.56 -26.81
N ILE C 100 -12.50 -5.82 -28.09
CA ILE C 100 -12.42 -4.78 -29.13
C ILE C 100 -13.30 -3.57 -28.80
N ARG C 101 -14.51 -3.85 -28.29
CA ARG C 101 -15.46 -2.80 -27.90
C ARG C 101 -14.95 -2.02 -26.69
N THR C 102 -14.61 -2.68 -25.58
CA THR C 102 -14.21 -1.96 -24.37
C THR C 102 -12.87 -1.24 -24.43
N ARG C 103 -11.91 -1.77 -25.19
CA ARG C 103 -10.60 -1.13 -25.34
CA ARG C 103 -10.59 -1.13 -25.35
C ARG C 103 -10.58 -0.17 -26.54
N LYS C 104 -11.70 -0.09 -27.27
CA LYS C 104 -11.91 0.90 -28.35
C LYS C 104 -10.99 0.69 -29.58
N LEU C 105 -10.78 -0.55 -29.96
CA LEU C 105 -9.90 -0.90 -31.08
C LEU C 105 -10.70 -0.98 -32.36
N LYS C 106 -10.02 -0.87 -33.50
CA LYS C 106 -10.63 -1.10 -34.82
C LYS C 106 -10.78 -2.61 -35.03
N TYR C 107 -9.77 -3.36 -34.61
CA TYR C 107 -9.80 -4.82 -34.59
C TYR C 107 -8.75 -5.36 -33.59
N LEU C 108 -8.71 -6.68 -33.45
CA LEU C 108 -7.69 -7.34 -32.65
C LEU C 108 -7.14 -8.54 -33.42
N GLY C 109 -5.82 -8.64 -33.53
CA GLY C 109 -5.19 -9.66 -34.38
C GLY C 109 -4.98 -11.04 -33.77
N VAL C 110 -5.98 -11.52 -33.03
CA VAL C 110 -6.03 -12.90 -32.55
C VAL C 110 -7.06 -13.65 -33.39
N PRO C 111 -6.71 -14.81 -33.98
CA PRO C 111 -7.72 -15.56 -34.73
C PRO C 111 -8.86 -16.05 -33.84
N LYS C 112 -10.08 -16.05 -34.38
CA LYS C 112 -11.26 -16.59 -33.68
C LYS C 112 -11.33 -18.11 -33.78
N TYR C 113 -11.60 -18.72 -32.63
CA TYR C 113 -11.89 -20.15 -32.48
C TYR C 113 -13.34 -20.40 -32.81
N TRP C 114 -13.61 -21.39 -33.65
CA TRP C 114 -14.99 -21.72 -34.06
C TRP C 114 -15.51 -23.09 -33.63
N GLY C 115 -14.64 -24.00 -33.23
CA GLY C 115 -15.07 -25.30 -32.71
C GLY C 115 -14.00 -26.36 -32.91
N SER C 116 -14.20 -27.52 -32.30
CA SER C 116 -13.26 -28.63 -32.38
C SER C 116 -13.97 -29.94 -32.10
N GLY C 117 -13.24 -31.05 -32.26
CA GLY C 117 -13.79 -32.37 -31.99
C GLY C 117 -12.80 -33.50 -32.20
N LEU C 118 -13.31 -34.73 -32.22
CA LEU C 118 -12.54 -35.94 -32.47
C LEU C 118 -13.12 -36.59 -33.72
N HIS C 119 -12.33 -37.43 -34.38
CA HIS C 119 -12.66 -37.93 -35.72
C HIS C 119 -11.80 -39.15 -36.04
N ASP C 120 -12.45 -40.24 -36.44
CA ASP C 120 -11.77 -41.49 -36.83
C ASP C 120 -11.63 -41.59 -38.37
N LYS C 121 -10.48 -42.11 -38.80
CA LYS C 121 -10.23 -42.53 -40.18
C LYS C 121 -9.18 -43.64 -40.14
N ASN C 122 -9.48 -44.75 -40.80
CA ASN C 122 -8.59 -45.93 -40.90
C ASN C 122 -8.19 -46.53 -39.54
N GLY C 123 -9.03 -46.40 -38.52
CA GLY C 123 -8.71 -46.91 -37.18
C GLY C 123 -7.96 -45.96 -36.23
N LYS C 124 -7.14 -45.06 -36.77
CA LYS C 124 -6.42 -44.05 -35.97
C LYS C 124 -7.34 -42.89 -35.52
N SER C 125 -7.04 -42.31 -34.34
CA SER C 125 -7.85 -41.24 -33.74
C SER C 125 -7.31 -39.84 -34.05
N TYR C 126 -8.15 -38.97 -34.61
CA TYR C 126 -7.72 -37.60 -35.00
C TYR C 126 -8.50 -36.50 -34.27
N ARG C 127 -7.85 -35.36 -34.10
CA ARG C 127 -8.44 -34.16 -33.49
C ARG C 127 -8.60 -33.12 -34.59
N PHE C 128 -9.73 -32.42 -34.64
CA PHE C 128 -9.86 -31.29 -35.56
C PHE C 128 -10.18 -30.00 -34.84
N MET C 129 -9.84 -28.88 -35.47
CA MET C 129 -10.08 -27.55 -34.92
C MET C 129 -10.40 -26.58 -36.05
N ILE C 130 -11.37 -25.71 -35.80
CA ILE C 130 -11.87 -24.79 -36.83
C ILE C 130 -11.55 -23.37 -36.40
N MET C 131 -10.84 -22.65 -37.26
CA MET C 131 -10.39 -21.29 -36.95
C MET C 131 -10.50 -20.41 -38.18
N ASP C 132 -10.31 -19.11 -37.99
CA ASP C 132 -10.29 -18.14 -39.09
C ASP C 132 -9.29 -18.53 -40.18
N ARG C 133 -9.64 -18.19 -41.43
CA ARG C 133 -8.75 -18.27 -42.59
C ARG C 133 -8.10 -16.91 -42.82
N PHE C 134 -6.83 -16.92 -43.23
CA PHE C 134 -6.08 -15.69 -43.48
C PHE C 134 -5.44 -15.69 -44.86
N GLY C 135 -4.97 -14.51 -45.26
CA GLY C 135 -4.29 -14.33 -46.53
C GLY C 135 -2.81 -14.67 -46.45
N SER C 136 -2.00 -13.73 -46.90
CA SER C 136 -0.56 -13.92 -47.01
C SER C 136 0.14 -13.67 -45.66
N ASP C 137 1.23 -14.39 -45.44
CA ASP C 137 2.15 -14.12 -44.32
C ASP C 137 3.12 -12.99 -44.68
N LEU C 138 3.51 -12.22 -43.66
CA LEU C 138 4.43 -11.09 -43.85
C LEU C 138 5.82 -11.45 -44.37
N GLN C 139 6.30 -12.67 -44.09
CA GLN C 139 7.60 -13.09 -44.59
C GLN C 139 7.64 -13.10 -46.13
N LYS C 140 6.57 -13.60 -46.78
CA LYS C 140 6.47 -13.55 -48.25
C LYS C 140 6.48 -12.10 -48.81
N ILE C 141 5.72 -11.22 -48.16
CA ILE C 141 5.66 -9.80 -48.56
C ILE C 141 6.98 -9.07 -48.29
N TYR C 142 7.61 -9.38 -47.16
CA TYR C 142 8.92 -8.83 -46.77
C TYR C 142 9.99 -9.17 -47.80
N GLU C 143 10.00 -10.43 -48.23
CA GLU C 143 10.96 -10.91 -49.22
C GLU C 143 10.71 -10.26 -50.58
N ALA C 144 9.44 -10.06 -50.92
CA ALA C 144 9.06 -9.35 -52.14
C ALA C 144 9.48 -7.88 -52.19
N ASN C 145 9.81 -7.29 -51.03
CA ASN C 145 10.30 -5.92 -50.97
C ASN C 145 11.78 -5.82 -50.68
N ALA C 146 12.57 -6.77 -51.20
CA ALA C 146 14.02 -6.82 -50.96
C ALA C 146 14.36 -6.68 -49.47
N LYS C 147 13.63 -7.44 -48.64
CA LYS C 147 13.83 -7.54 -47.20
C LYS C 147 13.92 -6.21 -46.42
N ARG C 148 13.04 -5.26 -46.76
CA ARG C 148 12.82 -4.06 -45.95
C ARG C 148 11.33 -3.75 -45.82
N PHE C 149 10.92 -3.21 -44.68
CA PHE C 149 9.63 -2.55 -44.54
C PHE C 149 9.98 -1.13 -44.19
N SER C 150 9.16 -0.20 -44.66
CA SER C 150 9.33 1.22 -44.32
C SER C 150 9.12 1.42 -42.83
N ARG C 151 9.55 2.57 -42.34
CA ARG C 151 9.40 2.91 -40.93
C ARG C 151 7.92 3.05 -40.53
N LYS C 152 7.13 3.63 -41.43
CA LYS C 152 5.67 3.71 -41.31
C LYS C 152 5.06 2.32 -41.11
N THR C 153 5.43 1.37 -41.97
CA THR C 153 4.91 0.00 -41.89
C THR C 153 5.28 -0.68 -40.58
N VAL C 154 6.55 -0.55 -40.20
CA VAL C 154 7.08 -1.24 -39.04
C VAL C 154 6.37 -0.75 -37.79
N LEU C 155 6.25 0.57 -37.63
CA LEU C 155 5.58 1.16 -36.47
C LEU C 155 4.09 0.82 -36.42
N GLN C 156 3.44 0.77 -37.59
CA GLN C 156 2.03 0.37 -37.67
C GLN C 156 1.83 -1.10 -37.32
N LEU C 157 2.73 -1.96 -37.81
CA LEU C 157 2.73 -3.38 -37.44
C LEU C 157 2.92 -3.58 -35.94
N SER C 158 3.82 -2.82 -35.33
CA SER C 158 4.16 -3.03 -33.93
C SER C 158 3.05 -2.59 -32.99
N LEU C 159 2.34 -1.53 -33.36
CA LEU C 159 1.20 -1.06 -32.56
C LEU C 159 0.11 -2.11 -32.39
N ARG C 160 -0.15 -2.87 -33.44
CA ARG C 160 -1.19 -3.88 -33.49
C ARG C 160 -0.74 -5.16 -32.79
N ILE C 161 0.54 -5.48 -32.93
CA ILE C 161 1.17 -6.60 -32.23
C ILE C 161 1.17 -6.34 -30.72
N LEU C 162 1.42 -5.11 -30.30
CA LEU C 162 1.35 -4.75 -28.90
C LEU C 162 -0.06 -4.91 -28.34
N ASP C 163 -1.07 -4.59 -29.15
CA ASP C 163 -2.47 -4.89 -28.83
C ASP C 163 -2.69 -6.41 -28.71
N ILE C 164 -2.08 -7.19 -29.60
CA ILE C 164 -2.20 -8.64 -29.56
C ILE C 164 -1.53 -9.22 -28.31
N LEU C 165 -0.32 -8.74 -28.01
CA LEU C 165 0.44 -9.25 -26.86
C LEU C 165 -0.26 -8.89 -25.56
N GLU C 166 -0.75 -7.65 -25.46
CA GLU C 166 -1.53 -7.21 -24.31
C GLU C 166 -2.72 -8.14 -24.09
N TYR C 167 -3.45 -8.41 -25.16
CA TYR C 167 -4.58 -9.33 -25.10
C TYR C 167 -4.16 -10.72 -24.57
N ILE C 168 -3.25 -11.39 -25.25
CA ILE C 168 -2.91 -12.76 -24.83
C ILE C 168 -2.25 -12.80 -23.45
N HIS C 169 -1.44 -11.79 -23.11
CA HIS C 169 -0.80 -11.71 -21.79
C HIS C 169 -1.83 -11.61 -20.69
N GLU C 170 -2.85 -10.77 -20.89
CA GLU C 170 -3.92 -10.61 -19.89
C GLU C 170 -4.76 -11.87 -19.75
N HIS C 171 -4.77 -12.72 -20.78
CA HIS C 171 -5.38 -14.05 -20.72
C HIS C 171 -4.39 -15.20 -20.46
N GLU C 172 -3.29 -14.88 -19.77
CA GLU C 172 -2.35 -15.86 -19.14
C GLU C 172 -1.35 -16.54 -20.07
N TYR C 173 -1.26 -16.12 -21.33
CA TYR C 173 -0.38 -16.76 -22.33
C TYR C 173 0.71 -15.82 -22.86
N VAL C 174 1.87 -16.39 -23.18
CA VAL C 174 2.87 -15.72 -24.03
C VAL C 174 3.09 -16.58 -25.28
N HIS C 175 3.43 -15.91 -26.38
CA HIS C 175 3.56 -16.57 -27.68
C HIS C 175 4.97 -17.16 -27.84
N GLY C 176 5.98 -16.34 -27.55
CA GLY C 176 7.38 -16.78 -27.53
C GLY C 176 8.01 -17.05 -28.89
N ASP C 177 7.36 -16.62 -29.97
CA ASP C 177 7.85 -16.86 -31.32
C ASP C 177 7.25 -15.89 -32.35
N ILE C 178 7.26 -14.61 -32.01
CA ILE C 178 6.75 -13.59 -32.91
C ILE C 178 7.76 -13.43 -34.04
N LYS C 179 7.27 -13.53 -35.26
CA LYS C 179 8.07 -13.32 -36.46
C LYS C 179 7.16 -13.20 -37.69
N ALA C 180 7.70 -12.66 -38.78
CA ALA C 180 6.93 -12.36 -39.99
C ALA C 180 6.15 -13.57 -40.54
N SER C 181 6.74 -14.77 -40.47
CA SER C 181 6.04 -15.98 -40.95
C SER C 181 4.87 -16.43 -40.04
N ASN C 182 4.77 -15.88 -38.83
CA ASN C 182 3.61 -16.08 -37.93
C ASN C 182 2.67 -14.88 -37.88
N LEU C 183 2.79 -13.96 -38.82
CA LEU C 183 1.90 -12.83 -38.92
C LEU C 183 1.21 -12.95 -40.26
N LEU C 184 -0.12 -13.06 -40.24
CA LEU C 184 -0.92 -13.29 -41.43
C LEU C 184 -1.91 -12.15 -41.60
N LEU C 185 -2.13 -11.77 -42.85
CA LEU C 185 -3.07 -10.70 -43.17
C LEU C 185 -4.49 -11.23 -43.24
N ASN C 186 -5.44 -10.41 -42.80
CA ASN C 186 -6.87 -10.65 -43.03
C ASN C 186 -7.11 -10.81 -44.54
N TYR C 187 -7.83 -11.87 -44.91
CA TYR C 187 -8.08 -12.22 -46.32
C TYR C 187 -8.87 -11.12 -47.06
N LYS C 188 -9.89 -10.57 -46.40
CA LYS C 188 -10.72 -9.50 -46.96
C LYS C 188 -10.19 -8.06 -46.71
N ASN C 189 -9.03 -7.93 -46.04
CA ASN C 189 -8.52 -6.62 -45.61
C ASN C 189 -7.00 -6.69 -45.37
N PRO C 190 -6.19 -6.09 -46.26
CA PRO C 190 -4.73 -6.18 -46.06
C PRO C 190 -4.13 -5.16 -45.07
N ASP C 191 -4.96 -4.36 -44.39
CA ASP C 191 -4.49 -3.48 -43.32
C ASP C 191 -4.62 -4.12 -41.92
N GLN C 192 -4.96 -5.42 -41.85
CA GLN C 192 -5.17 -6.11 -40.57
C GLN C 192 -4.27 -7.32 -40.45
N VAL C 193 -3.29 -7.23 -39.55
CA VAL C 193 -2.33 -8.30 -39.30
C VAL C 193 -2.76 -9.12 -38.07
N TYR C 194 -2.59 -10.44 -38.16
CA TYR C 194 -2.98 -11.40 -37.12
C TYR C 194 -1.79 -12.26 -36.72
N LEU C 195 -1.65 -12.55 -35.41
CA LEU C 195 -0.60 -13.46 -34.89
C LEU C 195 -1.15 -14.88 -34.81
N VAL C 196 -0.45 -15.84 -35.40
CA VAL C 196 -0.88 -17.25 -35.42
C VAL C 196 0.18 -18.19 -34.84
N ASP C 197 -0.21 -19.45 -34.71
CA ASP C 197 0.66 -20.54 -34.23
C ASP C 197 0.86 -20.42 -32.71
N TYR C 198 0.04 -21.14 -31.96
CA TYR C 198 0.09 -21.15 -30.52
C TYR C 198 0.40 -22.57 -30.02
N GLY C 199 0.89 -23.43 -30.91
CA GLY C 199 1.21 -24.82 -30.57
C GLY C 199 2.27 -24.98 -29.50
N LEU C 200 3.23 -24.05 -29.46
CA LEU C 200 4.23 -23.99 -28.39
C LEU C 200 4.08 -22.72 -27.52
N ALA C 201 2.87 -22.18 -27.45
CA ALA C 201 2.60 -21.01 -26.61
C ALA C 201 2.63 -21.48 -25.17
N TYR C 202 2.83 -20.55 -24.24
CA TYR C 202 3.11 -20.91 -22.88
C TYR C 202 2.19 -20.17 -21.94
N ARG C 203 1.56 -20.93 -21.04
CA ARG C 203 0.69 -20.38 -20.03
C ARG C 203 1.51 -19.98 -18.79
N TYR C 204 2.10 -18.80 -18.90
CA TYR C 204 3.01 -18.24 -17.90
C TYR C 204 2.35 -17.87 -16.55
N CYS C 205 1.02 -17.70 -16.54
CA CYS C 205 0.34 -17.14 -15.37
C CYS C 205 -1.02 -17.78 -15.02
N PRO C 206 -1.06 -19.13 -14.89
CA PRO C 206 -2.31 -19.82 -14.54
C PRO C 206 -2.94 -19.36 -13.23
N GLU C 207 -4.21 -18.92 -13.29
CA GLU C 207 -4.97 -18.46 -12.13
C GLU C 207 -4.29 -17.30 -11.41
N GLY C 208 -3.66 -16.43 -12.20
CA GLY C 208 -2.97 -15.25 -11.71
C GLY C 208 -1.66 -15.47 -10.99
N VAL C 209 -1.11 -16.68 -11.03
CA VAL C 209 0.14 -17.07 -10.36
C VAL C 209 1.24 -17.20 -11.43
N HIS C 210 2.18 -16.26 -11.42
CA HIS C 210 3.29 -16.23 -12.38
C HIS C 210 4.27 -17.36 -12.13
N LYS C 211 4.75 -18.02 -13.19
CA LYS C 211 5.79 -19.02 -13.05
C LYS C 211 7.08 -18.38 -12.57
N ALA C 212 7.85 -19.15 -11.82
CA ALA C 212 9.11 -18.73 -11.26
C ALA C 212 10.19 -18.63 -12.32
N TYR C 213 11.27 -17.93 -12.02
CA TYR C 213 12.35 -17.78 -12.97
C TYR C 213 13.26 -19.00 -13.02
N ALA C 214 12.77 -20.02 -13.70
CA ALA C 214 13.45 -21.29 -13.85
C ALA C 214 12.88 -22.05 -15.05
N ALA C 215 13.57 -23.11 -15.43
CA ALA C 215 13.13 -23.93 -16.55
C ALA C 215 11.88 -24.76 -16.25
N ASP C 216 11.02 -24.89 -17.26
CA ASP C 216 9.82 -25.72 -17.19
C ASP C 216 10.17 -27.07 -17.85
N PRO C 217 10.08 -28.19 -17.08
CA PRO C 217 10.42 -29.50 -17.65
C PRO C 217 9.50 -29.96 -18.78
N LYS C 218 8.24 -29.53 -18.76
CA LYS C 218 7.25 -29.86 -19.79
C LYS C 218 7.23 -28.90 -21.03
N ARG C 219 8.34 -28.18 -21.27
CA ARG C 219 8.51 -27.33 -22.46
C ARG C 219 9.95 -27.41 -22.98
N CYS C 220 10.16 -28.10 -24.10
CA CYS C 220 11.49 -28.25 -24.72
C CYS C 220 11.89 -27.08 -25.63
N HIS C 221 10.91 -26.41 -26.25
CA HIS C 221 11.16 -25.36 -27.25
C HIS C 221 11.72 -24.04 -26.68
N ASP C 222 12.57 -23.39 -27.47
CA ASP C 222 13.18 -22.10 -27.09
C ASP C 222 13.08 -21.00 -28.18
N GLY C 223 12.28 -21.25 -29.22
CA GLY C 223 11.88 -20.22 -30.18
C GLY C 223 12.63 -20.30 -31.51
N THR C 224 12.73 -19.15 -32.17
CA THR C 224 13.51 -19.00 -33.39
C THR C 224 14.77 -18.23 -33.01
N ILE C 225 15.92 -18.83 -33.29
CA ILE C 225 17.18 -18.43 -32.67
C ILE C 225 17.54 -16.95 -32.87
N GLU C 226 17.35 -16.44 -34.09
CA GLU C 226 17.67 -15.03 -34.38
C GLU C 226 16.83 -14.04 -33.58
N PHE C 227 15.55 -14.37 -33.35
CA PHE C 227 14.60 -13.48 -32.70
C PHE C 227 14.33 -13.76 -31.24
N THR C 228 14.75 -14.92 -30.73
CA THR C 228 14.31 -15.34 -29.39
C THR C 228 14.93 -14.54 -28.26
N SER C 229 14.26 -14.61 -27.11
CA SER C 229 14.62 -13.83 -25.94
C SER C 229 15.86 -14.36 -25.23
N ILE C 230 16.54 -13.48 -24.50
CA ILE C 230 17.67 -13.86 -23.66
C ILE C 230 17.21 -14.86 -22.58
N ASP C 231 16.04 -14.60 -21.99
CA ASP C 231 15.40 -15.53 -21.05
C ASP C 231 15.35 -16.94 -21.63
N ALA C 232 14.90 -17.05 -22.88
CA ALA C 232 14.79 -18.35 -23.55
C ALA C 232 16.15 -18.95 -23.86
N HIS C 233 17.09 -18.09 -24.26
CA HIS C 233 18.50 -18.49 -24.44
C HIS C 233 19.10 -19.07 -23.15
N ASN C 234 18.69 -18.54 -21.99
CA ASN C 234 19.14 -19.01 -20.67
C ASN C 234 18.45 -20.28 -20.12
N GLY C 235 17.55 -20.89 -20.90
CA GLY C 235 16.83 -22.10 -20.46
C GLY C 235 15.65 -21.85 -19.53
N VAL C 236 15.19 -20.60 -19.47
CA VAL C 236 14.08 -20.20 -18.62
C VAL C 236 12.80 -20.10 -19.46
N ALA C 237 11.68 -20.40 -18.82
CA ALA C 237 10.37 -20.34 -19.44
C ALA C 237 10.09 -18.92 -19.87
N PRO C 238 9.40 -18.75 -21.01
CA PRO C 238 9.20 -17.40 -21.52
C PRO C 238 8.18 -16.65 -20.67
N SER C 239 8.44 -15.37 -20.47
CA SER C 239 7.50 -14.49 -19.78
C SER C 239 7.20 -13.32 -20.72
N ARG C 240 6.53 -12.31 -20.19
CA ARG C 240 6.02 -11.24 -21.00
C ARG C 240 7.11 -10.37 -21.60
N ARG C 241 8.15 -10.10 -20.81
CA ARG C 241 9.25 -9.26 -21.30
C ARG C 241 9.90 -9.90 -22.53
N GLY C 242 9.99 -11.24 -22.53
CA GLY C 242 10.50 -12.00 -23.65
C GLY C 242 9.74 -11.77 -24.95
N ASP C 243 8.41 -11.70 -24.87
CA ASP C 243 7.59 -11.39 -26.05
C ASP C 243 7.93 -10.01 -26.59
N LEU C 244 8.04 -9.03 -25.71
CA LEU C 244 8.31 -7.65 -26.10
C LEU C 244 9.74 -7.48 -26.63
N GLU C 245 10.69 -8.20 -26.04
CA GLU C 245 12.06 -8.25 -26.55
C GLU C 245 12.12 -8.89 -27.95
N ILE C 246 11.37 -9.97 -28.17
CA ILE C 246 11.30 -10.61 -29.49
C ILE C 246 10.82 -9.60 -30.53
N LEU C 247 9.77 -8.86 -30.20
CA LEU C 247 9.22 -7.87 -31.12
C LEU C 247 10.28 -6.83 -31.49
N GLY C 248 11.03 -6.37 -30.51
CA GLY C 248 12.16 -5.44 -30.71
C GLY C 248 13.16 -5.88 -31.77
N TYR C 249 13.55 -7.15 -31.73
CA TYR C 249 14.49 -7.70 -32.71
C TYR C 249 13.87 -7.79 -34.10
N CYS C 250 12.59 -8.18 -34.16
CA CYS C 250 11.81 -8.18 -35.41
C CYS C 250 11.77 -6.77 -36.03
N MET C 251 11.53 -5.75 -35.23
CA MET C 251 11.55 -4.37 -35.69
C MET C 251 12.87 -3.96 -36.37
N ILE C 252 13.99 -4.32 -35.76
CA ILE C 252 15.30 -4.01 -36.33
C ILE C 252 15.47 -4.79 -37.65
N GLN C 253 15.27 -6.10 -37.59
CA GLN C 253 15.20 -6.97 -38.79
C GLN C 253 14.37 -6.38 -39.95
N TRP C 254 13.18 -5.88 -39.67
CA TRP C 254 12.30 -5.34 -40.70
C TRP C 254 12.73 -3.98 -41.27
N LEU C 255 13.25 -3.11 -40.41
CA LEU C 255 13.79 -1.80 -40.81
C LEU C 255 15.07 -1.88 -41.64
N THR C 256 15.95 -2.83 -41.32
CA THR C 256 17.33 -2.84 -41.84
C THR C 256 17.68 -4.01 -42.72
N GLY C 257 16.84 -5.05 -42.73
CA GLY C 257 17.15 -6.29 -43.42
C GLY C 257 18.15 -7.21 -42.71
N HIS C 258 18.60 -6.83 -41.51
CA HIS C 258 19.71 -7.52 -40.83
C HIS C 258 19.58 -7.54 -39.30
N LEU C 259 20.25 -8.52 -38.68
CA LEU C 259 20.57 -8.48 -37.25
C LEU C 259 22.07 -8.79 -37.08
N PRO C 260 22.74 -8.17 -36.09
CA PRO C 260 24.20 -8.31 -35.87
C PRO C 260 24.74 -9.74 -35.81
N TRP C 261 23.92 -10.66 -35.33
CA TRP C 261 24.30 -12.05 -35.04
C TRP C 261 23.82 -13.04 -36.10
N GLU C 262 23.27 -12.53 -37.21
CA GLU C 262 22.73 -13.41 -38.26
C GLU C 262 23.77 -14.30 -38.93
N ASP C 263 25.04 -13.89 -38.87
CA ASP C 263 26.15 -14.64 -39.47
C ASP C 263 26.52 -15.93 -38.73
N ASN C 264 26.09 -16.07 -37.46
CA ASN C 264 26.51 -17.19 -36.63
C ASN C 264 25.30 -17.82 -35.91
N LEU C 265 24.23 -18.07 -36.67
CA LEU C 265 23.00 -18.69 -36.14
C LEU C 265 23.11 -20.18 -35.84
N LYS C 266 24.20 -20.83 -36.24
CA LYS C 266 24.49 -22.21 -35.84
C LYS C 266 25.19 -22.29 -34.47
N ASP C 267 25.55 -21.13 -33.88
CA ASP C 267 26.20 -21.05 -32.57
C ASP C 267 25.33 -20.26 -31.59
N PRO C 268 24.42 -20.93 -30.86
CA PRO C 268 23.50 -20.17 -29.99
C PRO C 268 24.15 -19.41 -28.83
N LYS C 269 25.34 -19.79 -28.42
CA LYS C 269 26.02 -19.06 -27.36
C LYS C 269 26.55 -17.71 -27.87
N TYR C 270 26.95 -17.63 -29.14
CA TYR C 270 27.29 -16.33 -29.79
C TYR C 270 26.08 -15.42 -29.85
N VAL C 271 24.94 -15.99 -30.18
CA VAL C 271 23.69 -15.23 -30.29
C VAL C 271 23.26 -14.69 -28.92
N ARG C 272 23.27 -15.54 -27.90
CA ARG C 272 22.99 -15.10 -26.53
C ARG C 272 23.97 -14.02 -26.07
N ASP C 273 25.26 -14.26 -26.28
CA ASP C 273 26.32 -13.32 -25.90
C ASP C 273 26.11 -11.95 -26.54
N SER C 274 25.83 -11.96 -27.85
CA SER C 274 25.54 -10.71 -28.57
C SER C 274 24.32 -10.02 -27.98
N LYS C 275 23.23 -10.77 -27.77
CA LYS C 275 22.02 -10.18 -27.21
C LYS C 275 22.24 -9.55 -25.85
N ILE C 276 22.90 -10.27 -24.94
CA ILE C 276 23.20 -9.75 -23.59
C ILE C 276 24.04 -8.47 -23.64
N ARG C 277 25.07 -8.47 -24.48
CA ARG C 277 25.98 -7.32 -24.62
C ARG C 277 25.24 -6.12 -25.18
N TYR C 278 24.44 -6.35 -26.21
CA TYR C 278 23.64 -5.28 -26.81
C TYR C 278 22.50 -4.76 -25.92
N ARG C 279 21.98 -5.60 -25.01
CA ARG C 279 21.00 -5.14 -24.02
C ARG C 279 21.66 -4.21 -23.00
N GLU C 280 22.90 -4.52 -22.64
CA GLU C 280 23.66 -3.72 -21.71
C GLU C 280 24.05 -2.36 -22.30
N ASN C 281 24.21 -2.30 -23.63
CA ASN C 281 24.55 -1.07 -24.36
C ASN C 281 23.68 -0.93 -25.61
N ILE C 282 22.45 -0.46 -25.40
CA ILE C 282 21.49 -0.22 -26.48
C ILE C 282 21.99 0.85 -27.48
N ALA C 283 22.71 1.87 -26.99
CA ALA C 283 23.36 2.85 -27.89
C ALA C 283 24.28 2.16 -28.90
N SER C 284 25.04 1.15 -28.46
CA SER C 284 25.92 0.40 -29.37
C SER C 284 25.15 -0.46 -30.38
N LEU C 285 24.01 -1.02 -29.98
CA LEU C 285 23.13 -1.78 -30.91
C LEU C 285 22.55 -0.87 -31.99
N MET C 286 22.10 0.31 -31.59
CA MET C 286 21.58 1.31 -32.55
C MET C 286 22.68 1.75 -33.53
N ASP C 287 23.88 2.04 -33.03
CA ASP C 287 25.01 2.39 -33.90
C ASP C 287 25.40 1.23 -34.81
N LYS C 288 25.28 0.00 -34.32
CA LYS C 288 25.58 -1.16 -35.16
C LYS C 288 24.62 -1.34 -36.36
N CYS C 289 23.31 -1.20 -36.15
CA CYS C 289 22.30 -1.60 -37.15
C CYS C 289 21.85 -0.47 -38.09
N PHE C 290 22.10 0.78 -37.69
CA PHE C 290 21.72 1.96 -38.47
C PHE C 290 22.89 2.95 -38.56
N PRO C 291 23.01 3.67 -39.69
CA PRO C 291 23.79 4.92 -39.66
C PRO C 291 23.22 5.82 -38.58
N ALA C 292 24.08 6.41 -37.74
CA ALA C 292 23.63 7.19 -36.57
C ALA C 292 22.56 8.24 -36.90
N ALA C 293 22.66 8.84 -38.09
CA ALA C 293 21.65 9.76 -38.62
C ALA C 293 20.28 9.12 -38.88
N ASN C 294 20.25 7.89 -39.39
CA ASN C 294 19.01 7.14 -39.59
C ASN C 294 18.39 6.57 -38.30
N ALA C 295 19.13 6.55 -37.20
CA ALA C 295 18.79 5.71 -36.04
C ALA C 295 17.45 6.06 -35.38
N PRO C 296 16.41 5.21 -35.60
CA PRO C 296 15.09 5.55 -35.04
C PRO C 296 15.10 5.57 -33.51
N GLY C 297 14.81 6.74 -32.93
CA GLY C 297 14.94 6.95 -31.50
C GLY C 297 13.84 6.32 -30.66
N GLU C 298 12.70 6.03 -31.29
CA GLU C 298 11.62 5.29 -30.63
C GLU C 298 11.96 3.81 -30.44
N ILE C 299 12.63 3.22 -31.43
CA ILE C 299 13.08 1.84 -31.32
C ILE C 299 14.02 1.72 -30.11
N ALA C 300 14.96 2.65 -30.00
CA ALA C 300 15.89 2.68 -28.86
C ALA C 300 15.15 2.86 -27.55
N LYS C 301 14.19 3.80 -27.51
CA LYS C 301 13.38 4.06 -26.30
C LYS C 301 12.53 2.82 -25.93
N TYR C 302 11.97 2.14 -26.92
CA TYR C 302 11.25 0.88 -26.75
C TYR C 302 12.11 -0.18 -26.06
N MET C 303 13.32 -0.40 -26.57
CA MET C 303 14.24 -1.41 -26.01
CA MET C 303 14.23 -1.41 -26.00
C MET C 303 14.69 -1.02 -24.61
N GLU C 304 14.93 0.27 -24.37
CA GLU C 304 15.24 0.73 -23.02
C GLU C 304 14.11 0.41 -22.05
N THR C 305 12.87 0.57 -22.47
CA THR C 305 11.73 0.36 -21.57
C THR C 305 11.53 -1.14 -21.25
N VAL C 306 11.70 -2.00 -22.26
CA VAL C 306 11.63 -3.45 -22.10
C VAL C 306 12.78 -3.95 -21.21
N LYS C 307 13.94 -3.33 -21.34
CA LYS C 307 15.11 -3.67 -20.52
C LYS C 307 14.88 -3.50 -19.01
N LEU C 308 14.03 -2.55 -18.61
CA LEU C 308 13.71 -2.30 -17.20
C LEU C 308 12.60 -3.21 -16.61
N LEU C 309 12.11 -4.18 -17.38
CA LEU C 309 11.15 -5.13 -16.84
C LEU C 309 11.85 -6.28 -16.12
N ASP C 310 11.40 -6.55 -14.90
CA ASP C 310 11.76 -7.81 -14.25
C ASP C 310 10.98 -8.95 -14.93
N TYR C 311 11.38 -10.19 -14.63
CA TYR C 311 10.83 -11.39 -15.25
C TYR C 311 9.30 -11.51 -15.11
N THR C 312 8.79 -11.17 -13.93
CA THR C 312 7.37 -11.32 -13.61
C THR C 312 6.58 -10.03 -13.77
N GLU C 313 7.25 -8.93 -14.09
CA GLU C 313 6.61 -7.62 -14.15
C GLU C 313 5.60 -7.47 -15.30
N LYS C 314 4.49 -6.81 -15.01
CA LYS C 314 3.51 -6.43 -16.03
C LYS C 314 3.98 -5.24 -16.83
N PRO C 315 4.08 -5.37 -18.16
CA PRO C 315 4.43 -4.20 -18.98
C PRO C 315 3.33 -3.14 -19.03
N LEU C 316 3.75 -1.88 -19.16
CA LEU C 316 2.84 -0.76 -19.36
C LEU C 316 2.67 -0.55 -20.88
N TYR C 317 1.76 -1.33 -21.43
CA TYR C 317 1.60 -1.46 -22.87
C TYR C 317 1.23 -0.14 -23.54
N GLU C 318 0.46 0.70 -22.85
CA GLU C 318 0.07 2.01 -23.38
C GLU C 318 1.29 2.95 -23.49
N ASN C 319 2.21 2.91 -22.52
CA ASN C 319 3.49 3.66 -22.62
C ASN C 319 4.33 3.20 -23.80
N LEU C 320 4.34 1.90 -24.06
CA LEU C 320 5.03 1.35 -25.22
C LEU C 320 4.41 1.80 -26.53
N ARG C 321 3.08 1.81 -26.60
CA ARG C 321 2.40 2.26 -27.81
C ARG C 321 2.64 3.75 -28.04
N ASP C 322 2.64 4.57 -26.99
CA ASP C 322 2.92 6.01 -27.12
C ASP C 322 4.34 6.31 -27.59
N ILE C 323 5.31 5.52 -27.12
CA ILE C 323 6.70 5.63 -27.57
C ILE C 323 6.77 5.49 -29.10
N LEU C 324 6.05 4.50 -29.62
CA LEU C 324 5.95 4.25 -31.05
C LEU C 324 5.10 5.29 -31.79
N LEU C 325 4.08 5.84 -31.14
CA LEU C 325 3.29 6.91 -31.75
C LEU C 325 4.14 8.13 -32.03
N GLN C 326 5.04 8.49 -31.11
CA GLN C 326 5.98 9.59 -31.36
C GLN C 326 6.83 9.34 -32.61
N GLY C 327 7.25 8.10 -32.82
CA GLY C 327 7.93 7.69 -34.05
C GLY C 327 7.15 8.01 -35.32
N LEU C 328 5.84 7.76 -35.28
CA LEU C 328 4.94 8.14 -36.38
C LEU C 328 4.77 9.65 -36.54
N LYS C 329 4.61 10.37 -35.44
CA LYS C 329 4.56 11.84 -35.43
C LYS C 329 5.85 12.45 -35.99
N ALA C 330 6.99 11.92 -35.58
CA ALA C 330 8.30 12.36 -36.05
C ALA C 330 8.47 12.30 -37.55
N ILE C 331 7.84 11.31 -38.21
CA ILE C 331 7.88 11.18 -39.68
C ILE C 331 6.66 11.79 -40.40
N GLY C 332 5.89 12.65 -39.71
CA GLY C 332 4.77 13.35 -40.31
C GLY C 332 3.56 12.47 -40.59
N SER C 333 3.26 11.59 -39.66
CA SER C 333 2.16 10.63 -39.80
C SER C 333 1.43 10.46 -38.48
N LYS C 334 0.34 9.68 -38.51
CA LYS C 334 -0.43 9.38 -37.31
C LYS C 334 -0.79 7.89 -37.34
N ASP C 335 -1.40 7.40 -36.26
CA ASP C 335 -1.92 6.03 -36.25
C ASP C 335 -3.26 6.01 -36.99
N ASP C 336 -3.21 5.73 -38.29
CA ASP C 336 -4.43 5.61 -39.12
C ASP C 336 -4.72 4.16 -39.58
N GLY C 337 -4.06 3.19 -38.95
CA GLY C 337 -4.21 1.77 -39.31
C GLY C 337 -3.73 1.32 -40.69
N LYS C 338 -2.99 2.14 -41.42
CA LYS C 338 -2.56 1.82 -42.78
C LYS C 338 -1.17 1.19 -42.74
N LEU C 339 -1.08 -0.10 -43.07
CA LEU C 339 0.19 -0.81 -43.02
C LEU C 339 1.15 -0.37 -44.15
N ASP C 340 0.60 0.04 -45.30
CA ASP C 340 1.37 0.52 -46.48
C ASP C 340 2.28 -0.56 -47.07
N LEU C 341 1.70 -1.71 -47.36
CA LEU C 341 2.45 -2.85 -47.86
C LEU C 341 2.51 -2.88 -49.39
N GLN D 22 30.45 35.54 6.71
CA GLN D 22 30.21 36.16 5.38
C GLN D 22 28.86 36.87 5.31
N PHE D 23 27.76 36.10 5.23
CA PHE D 23 26.39 36.63 5.09
C PHE D 23 25.72 36.77 6.47
N ALA D 24 25.08 37.90 6.67
CA ALA D 24 24.42 38.18 7.96
C ALA D 24 23.04 37.59 8.00
N VAL D 25 22.58 37.25 9.20
CA VAL D 25 21.26 36.66 9.34
C VAL D 25 20.24 37.66 8.84
N GLY D 26 19.27 37.17 8.08
CA GLY D 26 18.23 38.01 7.54
C GLY D 26 18.55 38.71 6.23
N GLU D 27 19.72 38.45 5.67
CA GLU D 27 20.08 39.08 4.40
C GLU D 27 19.21 38.54 3.27
N ILE D 28 18.89 39.40 2.31
CA ILE D 28 18.07 39.01 1.18
C ILE D 28 18.92 38.84 -0.07
N ILE D 29 18.87 37.66 -0.66
CA ILE D 29 19.66 37.35 -1.87
C ILE D 29 18.76 36.94 -3.04
N THR D 30 19.30 37.09 -4.24
CA THR D 30 18.55 37.02 -5.50
C THR D 30 19.21 35.97 -6.39
N ASP D 31 18.39 35.07 -6.93
CA ASP D 31 18.89 33.97 -7.77
C ASP D 31 18.66 34.21 -9.29
N MET D 32 19.16 33.29 -10.12
CA MET D 32 19.09 33.42 -11.58
C MET D 32 17.70 33.35 -12.18
N ALA D 33 16.70 32.94 -11.39
CA ALA D 33 15.29 33.03 -11.78
C ALA D 33 14.61 34.26 -11.15
N ALA D 34 15.39 35.21 -10.64
CA ALA D 34 14.88 36.41 -9.96
C ALA D 34 14.03 36.19 -8.69
N ALA D 35 14.11 34.99 -8.08
CA ALA D 35 13.42 34.71 -6.81
C ALA D 35 14.29 35.20 -5.65
N ALA D 36 13.65 35.67 -4.58
CA ALA D 36 14.37 36.18 -3.41
C ALA D 36 14.41 35.14 -2.27
N TRP D 37 15.53 35.09 -1.59
CA TRP D 37 15.73 34.15 -0.49
C TRP D 37 16.27 34.89 0.73
N LYS D 38 15.93 34.40 1.91
CA LYS D 38 16.37 35.01 3.15
C LYS D 38 17.27 34.05 3.90
N VAL D 39 18.35 34.59 4.47
CA VAL D 39 19.33 33.80 5.21
C VAL D 39 19.04 33.70 6.71
N GLY D 40 19.22 32.51 7.27
CA GLY D 40 19.06 32.23 8.70
C GLY D 40 20.41 31.93 9.34
N LEU D 41 20.40 31.32 10.53
CA LEU D 41 21.65 31.04 11.28
C LEU D 41 22.42 29.87 10.64
N PRO D 42 23.77 29.88 10.69
CA PRO D 42 24.64 28.77 10.23
C PRO D 42 24.26 27.34 10.68
N ILE D 43 24.36 26.38 9.76
CA ILE D 43 23.98 24.98 10.01
C ILE D 43 25.09 24.26 10.74
N GLY D 49 34.04 28.59 2.41
CA GLY D 49 32.82 27.82 2.31
C GLY D 49 32.01 27.77 3.59
N CYS D 50 30.85 28.44 3.61
CA CYS D 50 29.93 28.41 4.76
C CYS D 50 28.50 27.99 4.34
N ILE D 51 27.78 27.35 5.26
CA ILE D 51 26.43 26.82 5.00
C ILE D 51 25.41 27.33 6.05
N TYR D 52 24.35 27.99 5.57
CA TYR D 52 23.32 28.60 6.43
C TYR D 52 21.96 27.99 6.11
N LEU D 53 21.04 28.08 7.08
CA LEU D 53 19.61 27.82 6.82
C LEU D 53 19.04 28.89 5.89
N ALA D 54 17.94 28.57 5.21
CA ALA D 54 17.36 29.47 4.21
C ALA D 54 15.89 29.17 3.93
N ASP D 55 15.18 30.19 3.43
CA ASP D 55 13.76 30.08 3.11
C ASP D 55 13.38 31.10 2.03
N MET D 56 12.24 30.85 1.39
CA MET D 56 11.59 31.83 0.50
C MET D 56 11.31 33.10 1.30
N ASN D 57 11.51 34.26 0.68
CA ASN D 57 11.60 35.56 1.39
C ASN D 57 10.38 35.89 2.25
N GLU D 60 8.99 38.21 8.18
CA GLU D 60 9.20 36.98 8.97
C GLU D 60 10.60 36.39 8.78
N SER D 61 11.37 36.30 9.86
CA SER D 61 12.72 35.72 9.82
C SER D 61 12.70 34.21 9.64
N VAL D 62 13.84 33.65 9.22
CA VAL D 62 13.97 32.23 8.90
C VAL D 62 14.08 31.39 10.17
N GLY D 63 13.27 30.32 10.26
CA GLY D 63 13.21 29.48 11.45
C GLY D 63 14.36 28.51 11.63
N SER D 64 14.36 27.78 12.73
CA SER D 64 15.28 26.65 12.95
C SER D 64 14.81 25.39 12.19
N ASP D 65 13.55 25.37 11.76
CA ASP D 65 12.99 24.26 10.96
C ASP D 65 12.89 24.60 9.46
N ALA D 66 13.78 25.46 8.96
CA ALA D 66 13.72 25.89 7.56
C ALA D 66 13.88 24.71 6.58
N PRO D 67 13.17 24.76 5.43
CA PRO D 67 13.23 23.67 4.43
C PRO D 67 14.45 23.69 3.48
N CYS D 68 15.24 24.77 3.49
CA CYS D 68 16.36 24.91 2.56
C CYS D 68 17.63 25.30 3.30
N VAL D 69 18.75 25.22 2.58
CA VAL D 69 20.02 25.77 3.02
C VAL D 69 20.65 26.58 1.89
N VAL D 70 21.53 27.51 2.24
CA VAL D 70 22.30 28.26 1.25
C VAL D 70 23.77 28.00 1.50
N LYS D 71 24.49 27.68 0.43
CA LYS D 71 25.93 27.38 0.47
C LYS D 71 26.65 28.48 -0.29
N VAL D 72 27.70 29.04 0.33
CA VAL D 72 28.33 30.28 -0.14
C VAL D 72 29.86 30.17 -0.29
N GLU D 73 30.38 30.66 -1.42
CA GLU D 73 31.83 30.79 -1.70
C GLU D 73 32.09 32.04 -2.57
N PRO D 74 33.37 32.47 -2.69
CA PRO D 74 33.80 33.38 -3.76
C PRO D 74 33.38 32.99 -5.20
N SER D 75 33.20 33.98 -6.06
CA SER D 75 32.66 33.80 -7.42
C SER D 75 33.54 32.99 -8.37
N ASP D 76 34.75 32.64 -7.97
CA ASP D 76 35.54 31.62 -8.66
C ASP D 76 36.41 30.90 -7.63
N ASN D 77 35.77 30.39 -6.58
CA ASN D 77 36.45 29.55 -5.59
C ASN D 77 36.65 28.11 -6.10
N GLY D 78 35.73 27.61 -6.94
CA GLY D 78 35.90 26.36 -7.69
C GLY D 78 34.86 25.27 -7.43
N PRO D 79 34.87 24.68 -6.22
CA PRO D 79 33.96 23.57 -5.87
C PRO D 79 32.47 23.83 -6.08
N LEU D 80 32.00 24.99 -5.65
CA LEU D 80 30.59 25.33 -5.78
C LEU D 80 30.14 25.52 -7.23
N PHE D 81 31.03 26.03 -8.08
CA PHE D 81 30.77 26.16 -9.52
C PHE D 81 30.70 24.79 -10.23
N THR D 82 31.57 23.85 -9.83
CA THR D 82 31.48 22.43 -10.25
C THR D 82 30.14 21.85 -9.91
N GLU D 83 29.74 22.12 -8.67
CA GLU D 83 28.50 21.61 -8.10
C GLU D 83 27.33 22.15 -8.92
N LEU D 84 27.33 23.46 -9.19
CA LEU D 84 26.30 24.09 -10.00
C LEU D 84 26.17 23.47 -11.38
N LYS D 85 27.29 23.35 -12.09
CA LYS D 85 27.25 22.75 -13.42
C LYS D 85 26.70 21.30 -13.37
N PHE D 86 27.00 20.58 -12.28
CA PHE D 86 26.51 19.21 -12.09
C PHE D 86 25.00 19.19 -11.92
N TYR D 87 24.49 20.01 -11.01
CA TYR D 87 23.03 20.10 -10.82
C TYR D 87 22.28 20.56 -12.08
N GLN D 88 22.85 21.51 -12.82
CA GLN D 88 22.21 22.03 -14.05
C GLN D 88 22.19 21.02 -15.18
N ARG D 89 23.27 20.25 -15.35
CA ARG D 89 23.35 19.25 -16.43
C ARG D 89 22.60 17.96 -16.09
N ALA D 90 22.81 17.46 -14.87
CA ALA D 90 22.57 16.06 -14.54
C ALA D 90 21.49 15.77 -13.51
N ALA D 91 21.08 16.77 -12.76
CA ALA D 91 20.28 16.54 -11.56
C ALA D 91 19.19 17.58 -11.42
N LYS D 92 18.58 17.96 -12.54
CA LYS D 92 17.38 18.81 -12.49
C LYS D 92 16.22 17.98 -11.94
N PRO D 93 15.26 18.62 -11.24
CA PRO D 93 14.14 17.90 -10.60
C PRO D 93 13.40 16.93 -11.51
N GLU D 94 13.13 17.33 -12.76
CA GLU D 94 12.44 16.44 -13.70
C GLU D 94 13.25 15.22 -14.12
N GLN D 95 14.58 15.35 -14.17
CA GLN D 95 15.47 14.21 -14.46
C GLN D 95 15.46 13.19 -13.33
N ILE D 96 15.45 13.69 -12.11
CA ILE D 96 15.35 12.86 -10.92
C ILE D 96 13.99 12.16 -10.88
N GLN D 97 12.91 12.91 -11.12
CA GLN D 97 11.56 12.34 -11.12
C GLN D 97 11.38 11.30 -12.24
N LYS D 98 11.87 11.59 -13.43
CA LYS D 98 11.80 10.64 -14.53
C LYS D 98 12.48 9.33 -14.13
N TRP D 99 13.62 9.44 -13.43
CA TRP D 99 14.38 8.26 -13.07
C TRP D 99 13.69 7.44 -11.96
N ILE D 100 13.20 8.10 -10.91
CA ILE D 100 12.41 7.45 -9.84
C ILE D 100 11.19 6.71 -10.41
N ARG D 101 10.48 7.36 -11.35
CA ARG D 101 9.33 6.76 -12.04
C ARG D 101 9.76 5.51 -12.83
N THR D 102 10.73 5.67 -13.73
CA THR D 102 11.13 4.59 -14.65
C THR D 102 11.88 3.41 -14.01
N ARG D 103 12.50 3.61 -12.84
CA ARG D 103 13.23 2.56 -12.12
CA ARG D 103 13.20 2.52 -12.14
C ARG D 103 12.43 1.97 -10.94
N LYS D 104 11.16 2.39 -10.78
CA LYS D 104 10.30 1.89 -9.71
C LYS D 104 10.95 2.07 -8.32
N LEU D 105 11.55 3.22 -8.09
CA LEU D 105 12.20 3.51 -6.81
C LEU D 105 11.20 4.16 -5.87
N LYS D 106 11.40 3.95 -4.58
CA LYS D 106 10.65 4.69 -3.55
C LYS D 106 11.17 6.13 -3.51
N TYR D 107 12.50 6.29 -3.59
CA TYR D 107 13.14 7.59 -3.62
C TYR D 107 14.54 7.52 -4.27
N LEU D 108 15.14 8.69 -4.49
CA LEU D 108 16.55 8.77 -4.94
C LEU D 108 17.28 9.82 -4.14
N GLY D 109 18.39 9.43 -3.52
CA GLY D 109 19.12 10.31 -2.63
C GLY D 109 20.05 11.33 -3.30
N VAL D 110 19.58 11.97 -4.38
CA VAL D 110 20.19 13.17 -4.95
C VAL D 110 19.38 14.41 -4.49
N PRO D 111 20.03 15.41 -3.84
CA PRO D 111 19.27 16.55 -3.33
C PRO D 111 18.58 17.40 -4.41
N LYS D 112 17.55 18.14 -3.99
CA LYS D 112 16.87 19.10 -4.82
C LYS D 112 17.66 20.38 -4.86
N TYR D 113 17.99 20.81 -6.08
CA TYR D 113 18.58 22.12 -6.35
C TYR D 113 17.46 23.14 -6.61
N TRP D 114 17.35 24.12 -5.72
CA TRP D 114 16.29 25.13 -5.75
C TRP D 114 16.63 26.39 -6.54
N GLY D 115 17.92 26.76 -6.59
CA GLY D 115 18.36 27.96 -7.30
C GLY D 115 19.77 28.39 -6.96
N SER D 116 20.30 29.32 -7.76
CA SER D 116 21.67 29.81 -7.61
C SER D 116 21.79 31.29 -7.98
N GLY D 117 22.80 31.95 -7.45
CA GLY D 117 23.05 33.34 -7.81
C GLY D 117 24.39 33.88 -7.34
N LEU D 118 24.53 35.20 -7.51
CA LEU D 118 25.68 35.96 -7.02
C LEU D 118 25.26 36.96 -5.96
N HIS D 119 26.21 37.29 -5.11
CA HIS D 119 26.03 38.29 -4.09
C HIS D 119 27.30 39.07 -3.74
N ASP D 120 27.34 40.36 -4.08
CA ASP D 120 28.42 41.25 -3.64
C ASP D 120 28.20 41.59 -2.14
N LYS D 121 29.25 41.52 -1.33
CA LYS D 121 29.17 41.79 0.11
C LYS D 121 30.50 42.29 0.69
N ASN D 122 30.46 43.48 1.29
CA ASN D 122 31.63 44.12 1.93
C ASN D 122 32.84 44.27 0.99
N GLY D 123 32.58 44.50 -0.30
CA GLY D 123 33.63 44.58 -1.32
C GLY D 123 33.71 43.34 -2.20
N LYS D 124 33.73 42.15 -1.58
CA LYS D 124 33.91 40.88 -2.28
C LYS D 124 32.67 40.43 -3.07
N SER D 125 32.88 39.44 -3.96
CA SER D 125 31.86 38.92 -4.87
C SER D 125 31.65 37.40 -4.72
N TYR D 126 30.59 37.00 -4.00
CA TYR D 126 30.29 35.59 -3.71
C TYR D 126 29.29 34.92 -4.67
N ARG D 127 29.40 33.61 -4.81
CA ARG D 127 28.43 32.74 -5.49
C ARG D 127 27.68 31.92 -4.45
N PHE D 128 26.42 31.58 -4.72
CA PHE D 128 25.65 30.76 -3.78
C PHE D 128 24.71 29.76 -4.46
N MET D 129 24.35 28.71 -3.71
CA MET D 129 23.36 27.71 -4.16
C MET D 129 22.36 27.40 -3.07
N ILE D 130 21.08 27.27 -3.47
CA ILE D 130 19.98 26.94 -2.57
C ILE D 130 19.69 25.45 -2.69
N MET D 131 19.89 24.71 -1.60
CA MET D 131 19.72 23.25 -1.57
C MET D 131 18.69 22.83 -0.53
N ASP D 132 18.16 21.60 -0.67
CA ASP D 132 17.35 20.95 0.37
C ASP D 132 18.01 21.03 1.73
N ARG D 133 17.20 21.22 2.77
CA ARG D 133 17.65 21.03 4.15
C ARG D 133 17.44 19.57 4.57
N PHE D 134 18.48 18.95 5.09
CA PHE D 134 18.42 17.59 5.61
C PHE D 134 18.48 17.50 7.14
N GLY D 135 18.38 16.29 7.67
CA GLY D 135 18.56 16.04 9.09
C GLY D 135 20.03 15.90 9.46
N SER D 136 20.38 14.77 10.07
CA SER D 136 21.72 14.53 10.57
C SER D 136 22.62 13.89 9.51
N ASP D 137 23.93 14.14 9.58
CA ASP D 137 24.90 13.38 8.80
C ASP D 137 25.16 12.03 9.47
N LEU D 138 25.54 11.05 8.67
CA LEU D 138 25.82 9.71 9.18
C LEU D 138 27.07 9.60 10.03
N GLN D 139 28.03 10.52 9.85
CA GLN D 139 29.27 10.48 10.63
C GLN D 139 28.99 10.74 12.11
N LYS D 140 28.08 11.66 12.39
CA LYS D 140 27.59 11.96 13.75
C LYS D 140 26.92 10.72 14.41
N ILE D 141 26.11 10.02 13.64
CA ILE D 141 25.38 8.83 14.08
C ILE D 141 26.32 7.62 14.26
N TYR D 142 27.31 7.50 13.38
CA TYR D 142 28.36 6.48 13.47
C TYR D 142 29.16 6.62 14.78
N GLU D 143 29.58 7.85 15.05
CA GLU D 143 30.30 8.18 16.29
C GLU D 143 29.45 7.97 17.55
N ALA D 144 28.15 8.27 17.46
CA ALA D 144 27.23 8.05 18.56
C ALA D 144 27.05 6.57 18.90
N ASN D 145 27.21 5.71 17.88
CA ASN D 145 27.07 4.27 18.01
C ASN D 145 28.44 3.57 18.14
N ALA D 146 29.42 4.27 18.73
CA ALA D 146 30.80 3.78 18.89
C ALA D 146 31.46 3.25 17.59
N LYS D 147 31.25 3.97 16.49
CA LYS D 147 31.92 3.72 15.20
C LYS D 147 31.69 2.32 14.62
N ARG D 148 30.46 1.84 14.72
CA ARG D 148 30.02 0.60 14.08
C ARG D 148 28.62 0.84 13.54
N PHE D 149 28.33 0.29 12.37
CA PHE D 149 26.97 0.12 11.90
C PHE D 149 26.79 -1.37 11.76
N SER D 150 25.57 -1.84 12.01
CA SER D 150 25.25 -3.25 11.84
C SER D 150 25.35 -3.64 10.36
N ARG D 151 25.51 -4.94 10.11
CA ARG D 151 25.57 -5.47 8.75
C ARG D 151 24.31 -5.11 7.96
N LYS D 152 23.16 -5.06 8.64
CA LYS D 152 21.87 -4.67 8.05
C LYS D 152 21.90 -3.22 7.57
N THR D 153 22.43 -2.33 8.40
CA THR D 153 22.51 -0.92 8.07
C THR D 153 23.46 -0.66 6.90
N VAL D 154 24.64 -1.26 6.96
CA VAL D 154 25.64 -1.10 5.92
C VAL D 154 25.13 -1.57 4.57
N LEU D 155 24.47 -2.73 4.56
CA LEU D 155 23.91 -3.25 3.31
C LEU D 155 22.77 -2.36 2.79
N GLN D 156 21.89 -1.91 3.67
CA GLN D 156 20.76 -1.04 3.27
C GLN D 156 21.27 0.32 2.77
N LEU D 157 22.29 0.86 3.43
CA LEU D 157 22.89 2.10 2.96
C LEU D 157 23.51 1.94 1.57
N SER D 158 24.27 0.85 1.39
CA SER D 158 24.99 0.57 0.15
C SER D 158 24.06 0.41 -1.05
N LEU D 159 22.93 -0.26 -0.85
CA LEU D 159 21.91 -0.40 -1.91
C LEU D 159 21.39 0.94 -2.39
N ARG D 160 21.19 1.87 -1.45
CA ARG D 160 20.65 3.18 -1.76
C ARG D 160 21.71 4.04 -2.40
N ILE D 161 22.95 3.92 -1.92
CA ILE D 161 24.09 4.59 -2.49
C ILE D 161 24.32 4.11 -3.92
N LEU D 162 24.14 2.81 -4.19
CA LEU D 162 24.22 2.29 -5.56
C LEU D 162 23.17 2.88 -6.48
N ASP D 163 21.97 3.18 -5.96
CA ASP D 163 20.96 3.86 -6.76
C ASP D 163 21.49 5.21 -7.24
N ILE D 164 22.03 5.97 -6.31
CA ILE D 164 22.55 7.31 -6.58
C ILE D 164 23.72 7.29 -7.56
N LEU D 165 24.63 6.35 -7.37
CA LEU D 165 25.80 6.25 -8.23
C LEU D 165 25.36 5.85 -9.63
N GLU D 166 24.42 4.92 -9.73
CA GLU D 166 23.93 4.53 -11.05
C GLU D 166 23.27 5.73 -11.75
N TYR D 167 22.53 6.53 -10.99
CA TYR D 167 21.92 7.72 -11.53
C TYR D 167 22.97 8.66 -12.10
N ILE D 168 23.92 9.07 -11.28
CA ILE D 168 24.92 10.06 -11.71
C ILE D 168 25.87 9.51 -12.80
N HIS D 169 26.29 8.25 -12.67
CA HIS D 169 27.14 7.61 -13.66
C HIS D 169 26.49 7.63 -15.05
N GLU D 170 25.18 7.39 -15.09
CA GLU D 170 24.43 7.39 -16.35
C GLU D 170 24.21 8.80 -16.90
N HIS D 171 24.27 9.80 -16.03
CA HIS D 171 24.25 11.21 -16.40
C HIS D 171 25.65 11.81 -16.50
N GLU D 172 26.64 10.99 -16.88
CA GLU D 172 27.99 11.43 -17.22
C GLU D 172 28.90 11.87 -16.06
N TYR D 173 28.49 11.62 -14.81
CA TYR D 173 29.22 12.16 -13.65
C TYR D 173 29.63 11.08 -12.64
N VAL D 174 30.68 11.38 -11.88
CA VAL D 174 31.07 10.59 -10.70
C VAL D 174 31.21 11.55 -9.53
N HIS D 175 30.98 11.06 -8.31
CA HIS D 175 31.07 11.89 -7.09
C HIS D 175 32.49 12.06 -6.58
N GLY D 176 33.19 10.95 -6.43
CA GLY D 176 34.60 10.94 -6.00
C GLY D 176 34.92 11.13 -4.53
N ASP D 177 33.91 11.42 -3.69
CA ASP D 177 34.14 11.64 -2.25
C ASP D 177 32.97 11.10 -1.39
N ILE D 178 32.58 9.87 -1.66
CA ILE D 178 31.54 9.18 -0.88
C ILE D 178 32.11 8.86 0.51
N LYS D 179 31.40 9.27 1.55
CA LYS D 179 31.81 9.02 2.93
C LYS D 179 30.67 9.43 3.85
N ALA D 180 30.76 9.01 5.11
CA ALA D 180 29.63 9.18 6.04
C ALA D 180 29.25 10.65 6.32
N SER D 181 30.23 11.54 6.37
CA SER D 181 29.95 12.97 6.54
C SER D 181 29.26 13.65 5.33
N ASN D 182 29.35 13.07 4.13
CA ASN D 182 28.57 13.51 2.96
C ASN D 182 27.28 12.69 2.74
N LEU D 183 26.84 11.93 3.74
CA LEU D 183 25.60 11.17 3.65
C LEU D 183 24.68 11.71 4.74
N LEU D 184 23.56 12.29 4.33
CA LEU D 184 22.66 13.03 5.19
C LEU D 184 21.25 12.42 5.10
N LEU D 185 20.58 12.32 6.23
CA LEU D 185 19.21 11.76 6.26
C LEU D 185 18.21 12.82 5.85
N ASN D 186 17.12 12.39 5.23
CA ASN D 186 15.97 13.24 4.97
C ASN D 186 15.41 13.72 6.32
N TYR D 187 15.12 15.01 6.39
CA TYR D 187 14.64 15.69 7.60
C TYR D 187 13.29 15.13 8.08
N LYS D 188 12.42 14.78 7.13
CA LYS D 188 11.10 14.22 7.44
C LYS D 188 11.05 12.68 7.47
N ASN D 189 12.15 11.99 7.13
CA ASN D 189 12.17 10.53 7.01
C ASN D 189 13.60 9.94 7.18
N PRO D 190 13.93 9.39 8.37
CA PRO D 190 15.28 8.93 8.64
C PRO D 190 15.66 7.53 8.07
N ASP D 191 14.85 6.96 7.19
CA ASP D 191 15.27 5.80 6.38
C ASP D 191 15.69 6.20 4.95
N GLN D 192 15.75 7.49 4.67
CA GLN D 192 16.13 7.99 3.36
C GLN D 192 17.44 8.79 3.46
N VAL D 193 18.49 8.23 2.87
CA VAL D 193 19.84 8.78 2.92
C VAL D 193 20.13 9.48 1.59
N TYR D 194 20.76 10.64 1.68
CA TYR D 194 21.10 11.45 0.52
C TYR D 194 22.61 11.65 0.44
N LEU D 195 23.17 11.55 -0.77
CA LEU D 195 24.57 11.86 -1.01
C LEU D 195 24.68 13.32 -1.43
N VAL D 196 25.42 14.10 -0.65
CA VAL D 196 25.56 15.55 -0.87
C VAL D 196 27.01 15.93 -1.23
N ASP D 197 27.21 17.23 -1.50
CA ASP D 197 28.53 17.84 -1.76
C ASP D 197 29.22 17.26 -3.00
N TYR D 198 28.79 17.76 -4.17
CA TYR D 198 29.37 17.37 -5.46
C TYR D 198 30.52 18.30 -5.88
N GLY D 199 31.25 18.86 -4.91
CA GLY D 199 32.40 19.72 -5.16
C GLY D 199 33.59 19.09 -5.88
N LEU D 200 33.82 17.79 -5.68
CA LEU D 200 34.85 17.06 -6.43
C LEU D 200 34.26 16.18 -7.53
N ALA D 201 33.01 16.43 -7.92
CA ALA D 201 32.39 15.66 -8.97
C ALA D 201 33.12 15.92 -10.26
N TYR D 202 33.06 14.96 -11.16
CA TYR D 202 33.82 15.03 -12.37
C TYR D 202 33.02 14.43 -13.52
N ARG D 203 33.05 15.14 -14.63
CA ARG D 203 32.28 14.76 -15.78
C ARG D 203 33.15 13.81 -16.59
N TYR D 204 33.02 12.54 -16.27
CA TYR D 204 33.90 11.50 -16.79
C TYR D 204 33.57 11.14 -18.23
N CYS D 205 32.34 11.41 -18.68
CA CYS D 205 31.84 10.89 -19.95
C CYS D 205 31.06 11.94 -20.78
N PRO D 206 31.68 13.10 -21.09
CA PRO D 206 30.95 14.14 -21.82
C PRO D 206 30.49 13.63 -23.18
N GLU D 207 29.18 13.73 -23.43
CA GLU D 207 28.52 13.20 -24.62
C GLU D 207 28.84 11.72 -24.92
N GLY D 208 28.89 10.90 -23.87
CA GLY D 208 29.15 9.47 -24.01
C GLY D 208 30.55 9.06 -24.46
N VAL D 209 31.52 9.97 -24.39
CA VAL D 209 32.93 9.68 -24.72
C VAL D 209 33.71 9.68 -23.41
N HIS D 210 34.23 8.52 -23.00
CA HIS D 210 34.95 8.39 -21.72
C HIS D 210 36.30 9.06 -21.76
N LYS D 211 36.56 9.90 -20.75
CA LYS D 211 37.90 10.45 -20.48
C LYS D 211 38.96 9.34 -20.49
N ALA D 212 40.06 9.58 -21.21
CA ALA D 212 41.15 8.60 -21.31
C ALA D 212 42.00 8.55 -20.04
N TYR D 213 42.58 7.40 -19.78
CA TYR D 213 43.43 7.17 -18.62
C TYR D 213 44.70 8.01 -18.75
N ALA D 214 44.93 8.91 -17.79
CA ALA D 214 46.19 9.66 -17.73
C ALA D 214 46.51 10.12 -16.30
N ALA D 215 47.74 9.87 -15.86
CA ALA D 215 48.21 10.30 -14.55
C ALA D 215 48.71 11.74 -14.62
N ASP D 216 47.99 12.65 -13.96
CA ASP D 216 48.38 14.04 -13.81
C ASP D 216 48.92 14.26 -12.40
N PRO D 217 50.19 14.72 -12.26
CA PRO D 217 50.74 14.93 -10.91
C PRO D 217 50.01 15.98 -10.08
N LYS D 218 49.39 16.98 -10.72
CA LYS D 218 48.49 17.92 -10.03
C LYS D 218 47.27 17.24 -9.38
N ARG D 219 46.77 16.16 -9.98
CA ARG D 219 45.60 15.39 -9.44
C ARG D 219 45.87 14.42 -8.27
N CYS D 220 47.12 14.04 -8.03
CA CYS D 220 47.44 12.97 -7.08
C CYS D 220 46.82 13.15 -5.70
N HIS D 221 46.14 12.11 -5.22
CA HIS D 221 45.55 12.04 -3.88
C HIS D 221 44.32 12.94 -3.63
N ASP D 222 43.61 13.34 -4.69
CA ASP D 222 42.32 14.03 -4.54
C ASP D 222 41.30 13.14 -3.83
N GLY D 223 40.35 13.76 -3.15
CA GLY D 223 39.37 13.05 -2.35
C GLY D 223 39.85 12.97 -0.92
N THR D 224 39.15 12.21 -0.09
CA THR D 224 39.49 11.99 1.32
C THR D 224 40.46 10.81 1.36
N ILE D 225 41.63 11.01 1.96
CA ILE D 225 42.74 10.07 1.78
C ILE D 225 42.45 8.63 2.22
N GLU D 226 41.70 8.48 3.33
CA GLU D 226 41.39 7.13 3.85
C GLU D 226 40.46 6.34 2.92
N PHE D 227 39.58 7.03 2.20
CA PHE D 227 38.58 6.39 1.37
C PHE D 227 38.83 6.49 -0.13
N THR D 228 39.73 7.35 -0.59
CA THR D 228 39.79 7.65 -2.03
C THR D 228 40.29 6.47 -2.86
N SER D 229 40.09 6.53 -4.18
CA SER D 229 40.44 5.42 -5.06
C SER D 229 41.93 5.37 -5.35
N ILE D 230 42.41 4.19 -5.77
CA ILE D 230 43.79 4.03 -6.22
C ILE D 230 44.05 4.95 -7.44
N ASP D 231 43.11 4.99 -8.38
CA ASP D 231 43.17 5.91 -9.51
C ASP D 231 43.42 7.34 -9.06
N ALA D 232 42.65 7.79 -8.07
CA ALA D 232 42.84 9.13 -7.50
C ALA D 232 44.22 9.31 -6.85
N HIS D 233 44.72 8.28 -6.15
CA HIS D 233 46.09 8.29 -5.58
C HIS D 233 47.17 8.42 -6.67
N ASN D 234 46.96 7.77 -7.82
CA ASN D 234 47.87 7.83 -8.95
C ASN D 234 47.73 9.09 -9.83
N GLY D 235 46.87 10.04 -9.44
CA GLY D 235 46.60 11.24 -10.25
C GLY D 235 45.74 11.03 -11.49
N VAL D 236 44.99 9.95 -11.54
CA VAL D 236 44.14 9.65 -12.67
C VAL D 236 42.77 10.23 -12.37
N ALA D 237 42.11 10.80 -13.38
CA ALA D 237 40.76 11.33 -13.22
C ALA D 237 39.80 10.24 -12.74
N PRO D 238 38.89 10.55 -11.79
CA PRO D 238 38.00 9.53 -11.21
C PRO D 238 36.98 9.04 -12.23
N SER D 239 36.76 7.73 -12.24
CA SER D 239 35.79 7.08 -13.13
C SER D 239 34.87 6.22 -12.26
N ARG D 240 34.01 5.42 -12.88
CA ARG D 240 32.97 4.71 -12.15
C ARG D 240 33.53 3.67 -11.20
N ARG D 241 34.61 2.99 -11.58
CA ARG D 241 35.22 2.04 -10.65
C ARG D 241 35.70 2.72 -9.35
N GLY D 242 36.17 3.96 -9.46
CA GLY D 242 36.60 4.72 -8.31
C GLY D 242 35.51 4.89 -7.27
N ASP D 243 34.32 5.29 -7.70
CA ASP D 243 33.18 5.52 -6.80
C ASP D 243 32.79 4.23 -6.06
N LEU D 244 32.74 3.13 -6.80
CA LEU D 244 32.44 1.83 -6.24
C LEU D 244 33.53 1.33 -5.28
N GLU D 245 34.79 1.62 -5.62
CA GLU D 245 35.91 1.29 -4.75
C GLU D 245 35.80 2.07 -3.41
N ILE D 246 35.54 3.37 -3.53
CA ILE D 246 35.39 4.24 -2.37
C ILE D 246 34.30 3.69 -1.44
N LEU D 247 33.17 3.27 -2.02
CA LEU D 247 32.06 2.71 -1.26
C LEU D 247 32.46 1.44 -0.50
N GLY D 248 33.19 0.56 -1.18
CA GLY D 248 33.81 -0.61 -0.55
C GLY D 248 34.62 -0.28 0.70
N TYR D 249 35.47 0.75 0.61
CA TYR D 249 36.28 1.15 1.76
C TYR D 249 35.42 1.71 2.89
N CYS D 250 34.39 2.49 2.53
CA CYS D 250 33.39 2.94 3.50
C CYS D 250 32.70 1.77 4.21
N MET D 251 32.34 0.73 3.45
CA MET D 251 31.63 -0.42 4.00
C MET D 251 32.46 -1.15 5.08
N ILE D 252 33.73 -1.40 4.78
CA ILE D 252 34.65 -2.02 5.73
C ILE D 252 34.88 -1.11 6.96
N GLN D 253 35.05 0.20 6.73
CA GLN D 253 35.13 1.19 7.83
C GLN D 253 33.89 1.16 8.73
N TRP D 254 32.72 1.05 8.12
CA TRP D 254 31.46 1.03 8.87
C TRP D 254 31.24 -0.28 9.66
N LEU D 255 31.57 -1.41 9.05
CA LEU D 255 31.42 -2.71 9.71
C LEU D 255 32.38 -2.93 10.86
N THR D 256 33.61 -2.46 10.71
CA THR D 256 34.70 -2.78 11.64
C THR D 256 35.19 -1.64 12.51
N GLY D 257 34.97 -0.41 12.08
CA GLY D 257 35.53 0.76 12.77
C GLY D 257 36.95 1.10 12.34
N HIS D 258 37.48 0.36 11.36
CA HIS D 258 38.87 0.48 10.97
C HIS D 258 39.14 0.23 9.49
N LEU D 259 40.24 0.81 9.02
CA LEU D 259 40.84 0.47 7.76
C LEU D 259 42.31 0.23 8.03
N PRO D 260 42.94 -0.72 7.30
CA PRO D 260 44.35 -1.08 7.56
C PRO D 260 45.35 0.09 7.58
N TRP D 261 45.08 1.14 6.81
CA TRP D 261 46.04 2.22 6.55
C TRP D 261 45.78 3.46 7.41
N GLU D 262 44.88 3.34 8.37
CA GLU D 262 44.47 4.46 9.22
C GLU D 262 45.56 5.02 10.14
N ASP D 263 46.59 4.24 10.44
CA ASP D 263 47.65 4.69 11.35
C ASP D 263 48.81 5.44 10.69
N ASN D 264 48.74 5.67 9.37
CA ASN D 264 49.72 6.51 8.68
C ASN D 264 49.09 7.32 7.52
N LEU D 265 47.97 7.98 7.81
CA LEU D 265 47.26 8.83 6.82
C LEU D 265 48.01 10.13 6.45
N LYS D 266 48.99 10.53 7.25
CA LYS D 266 49.91 11.63 6.94
C LYS D 266 50.94 11.31 5.81
N ASP D 267 51.05 10.03 5.42
CA ASP D 267 51.94 9.57 4.33
C ASP D 267 51.09 9.04 3.16
N PRO D 268 50.75 9.92 2.19
CA PRO D 268 49.88 9.56 1.06
C PRO D 268 50.35 8.36 0.23
N LYS D 269 51.66 8.23 0.06
CA LYS D 269 52.25 7.15 -0.72
C LYS D 269 52.07 5.79 -0.01
N TYR D 270 52.12 5.79 1.31
CA TYR D 270 51.87 4.56 2.07
C TYR D 270 50.40 4.12 1.95
N VAL D 271 49.47 5.08 1.95
CA VAL D 271 48.05 4.75 1.79
C VAL D 271 47.78 4.12 0.41
N ARG D 272 48.34 4.74 -0.63
CA ARG D 272 48.30 4.20 -1.99
C ARG D 272 48.84 2.78 -2.04
N ASP D 273 50.05 2.60 -1.54
CA ASP D 273 50.74 1.31 -1.61
C ASP D 273 50.01 0.20 -0.82
N SER D 274 49.43 0.59 0.30
CA SER D 274 48.65 -0.32 1.12
C SER D 274 47.39 -0.77 0.33
N LYS D 275 46.65 0.20 -0.21
CA LYS D 275 45.50 -0.07 -1.09
C LYS D 275 45.81 -0.92 -2.34
N ILE D 276 46.99 -0.68 -2.94
CA ILE D 276 47.46 -1.51 -4.06
C ILE D 276 47.79 -2.95 -3.61
N ARG D 277 48.46 -3.12 -2.47
CA ARG D 277 48.73 -4.47 -1.89
C ARG D 277 47.43 -5.23 -1.64
N TYR D 278 46.44 -4.56 -1.05
CA TYR D 278 45.15 -5.20 -0.75
C TYR D 278 44.24 -5.44 -1.97
N ARG D 279 44.44 -4.71 -3.07
CA ARG D 279 43.77 -5.02 -4.32
C ARG D 279 44.38 -6.28 -4.95
N GLU D 280 45.71 -6.35 -5.00
CA GLU D 280 46.43 -7.52 -5.56
C GLU D 280 45.98 -8.85 -4.90
N ASN D 281 45.67 -8.81 -3.60
CA ASN D 281 45.21 -9.98 -2.88
C ASN D 281 44.09 -9.61 -1.89
N ILE D 282 42.84 -9.80 -2.33
CA ILE D 282 41.67 -9.41 -1.53
C ILE D 282 41.43 -10.32 -0.31
N ALA D 283 41.88 -11.56 -0.37
CA ALA D 283 41.82 -12.44 0.80
C ALA D 283 42.61 -11.88 1.99
N SER D 284 43.83 -11.37 1.75
CA SER D 284 44.60 -10.73 2.84
C SER D 284 43.92 -9.50 3.45
N LEU D 285 43.14 -8.78 2.64
CA LEU D 285 42.34 -7.64 3.14
C LEU D 285 41.22 -8.08 4.09
N MET D 286 40.54 -9.15 3.71
CA MET D 286 39.53 -9.76 4.59
C MET D 286 40.17 -10.28 5.88
N ASP D 287 41.34 -10.91 5.79
CA ASP D 287 42.10 -11.36 6.97
C ASP D 287 42.51 -10.21 7.88
N LYS D 288 43.00 -9.12 7.28
CA LYS D 288 43.46 -7.97 8.06
C LYS D 288 42.29 -7.22 8.73
N CYS D 289 41.16 -7.12 8.04
CA CYS D 289 39.99 -6.33 8.53
C CYS D 289 39.03 -7.13 9.40
N PHE D 290 38.90 -8.42 9.09
CA PHE D 290 38.06 -9.36 9.86
C PHE D 290 38.92 -10.53 10.40
N PRO D 291 39.93 -10.24 11.26
CA PRO D 291 40.86 -11.30 11.71
C PRO D 291 40.25 -12.31 12.70
N ALA D 292 40.37 -13.60 12.37
CA ALA D 292 39.63 -14.70 13.01
C ALA D 292 38.15 -14.37 13.29
N ALA D 293 37.50 -13.77 12.30
CA ALA D 293 36.07 -13.59 12.28
C ALA D 293 35.57 -14.25 11.00
N ASN D 294 34.29 -14.61 10.99
CA ASN D 294 33.61 -15.04 9.77
C ASN D 294 33.36 -13.76 8.96
N ALA D 295 34.19 -13.55 7.93
CA ALA D 295 34.13 -12.33 7.11
C ALA D 295 32.90 -12.37 6.20
N PRO D 296 32.10 -11.29 6.15
CA PRO D 296 30.91 -11.33 5.30
C PRO D 296 31.27 -11.56 3.82
N GLY D 297 30.70 -12.62 3.24
CA GLY D 297 31.04 -13.05 1.88
C GLY D 297 30.72 -12.03 0.81
N GLU D 298 29.67 -11.24 1.03
CA GLU D 298 29.27 -10.19 0.08
C GLU D 298 30.29 -9.05 -0.06
N ILE D 299 30.97 -8.72 1.04
CA ILE D 299 32.02 -7.70 1.03
C ILE D 299 33.21 -8.17 0.20
N ALA D 300 33.63 -9.41 0.42
CA ALA D 300 34.74 -9.96 -0.37
C ALA D 300 34.36 -10.00 -1.84
N LYS D 301 33.12 -10.40 -2.13
CA LYS D 301 32.62 -10.47 -3.51
C LYS D 301 32.50 -9.09 -4.15
N TYR D 302 32.09 -8.10 -3.37
CA TYR D 302 32.05 -6.72 -3.81
C TYR D 302 33.44 -6.21 -4.25
N MET D 303 34.43 -6.34 -3.36
CA MET D 303 35.80 -5.93 -3.66
C MET D 303 36.36 -6.66 -4.89
N GLU D 304 36.02 -7.94 -5.03
CA GLU D 304 36.50 -8.76 -6.16
C GLU D 304 35.87 -8.33 -7.46
N THR D 305 34.60 -7.95 -7.42
CA THR D 305 33.89 -7.46 -8.59
C THR D 305 34.43 -6.08 -9.00
N VAL D 306 34.63 -5.20 -8.01
CA VAL D 306 35.20 -3.88 -8.28
C VAL D 306 36.64 -4.00 -8.86
N LYS D 307 37.46 -4.88 -8.26
CA LYS D 307 38.81 -5.24 -8.80
C LYS D 307 38.81 -5.60 -10.28
N LEU D 308 37.77 -6.30 -10.74
CA LEU D 308 37.65 -6.66 -12.15
C LEU D 308 37.34 -5.52 -13.12
N LEU D 309 37.04 -4.32 -12.62
CA LEU D 309 36.62 -3.21 -13.50
C LEU D 309 37.79 -2.49 -14.08
N ASP D 310 37.85 -2.44 -15.40
CA ASP D 310 38.76 -1.52 -16.09
C ASP D 310 38.30 -0.07 -15.90
N TYR D 311 39.22 0.84 -16.17
CA TYR D 311 39.02 2.27 -15.98
C TYR D 311 37.77 2.81 -16.66
N THR D 312 37.54 2.40 -17.90
CA THR D 312 36.42 2.90 -18.71
C THR D 312 35.17 2.03 -18.64
N GLU D 313 35.24 0.94 -17.87
CA GLU D 313 34.24 -0.11 -17.93
C GLU D 313 32.94 0.28 -17.22
N LYS D 314 31.81 -0.02 -17.84
CA LYS D 314 30.51 0.19 -17.22
C LYS D 314 30.27 -0.96 -16.22
N PRO D 315 30.02 -0.64 -14.94
CA PRO D 315 29.66 -1.68 -14.00
C PRO D 315 28.34 -2.37 -14.37
N LEU D 316 28.25 -3.66 -14.04
CA LEU D 316 27.00 -4.38 -14.05
C LEU D 316 26.35 -4.10 -12.69
N TYR D 317 25.54 -3.03 -12.63
CA TYR D 317 24.99 -2.53 -11.38
C TYR D 317 24.03 -3.53 -10.71
N GLU D 318 23.31 -4.29 -11.52
CA GLU D 318 22.40 -5.32 -11.02
C GLU D 318 23.14 -6.50 -10.37
N ASN D 319 24.28 -6.87 -10.92
CA ASN D 319 25.15 -7.87 -10.31
C ASN D 319 25.65 -7.40 -8.92
N LEU D 320 26.06 -6.14 -8.81
CA LEU D 320 26.46 -5.58 -7.52
C LEU D 320 25.32 -5.54 -6.50
N ARG D 321 24.11 -5.25 -6.98
CA ARG D 321 22.91 -5.33 -6.14
C ARG D 321 22.64 -6.76 -5.63
N ASP D 322 22.63 -7.72 -6.54
CA ASP D 322 22.49 -9.13 -6.15
C ASP D 322 23.44 -9.55 -5.04
N ILE D 323 24.71 -9.15 -5.15
CA ILE D 323 25.73 -9.46 -4.14
C ILE D 323 25.27 -8.99 -2.77
N LEU D 324 24.92 -7.72 -2.67
CA LEU D 324 24.44 -7.12 -1.41
C LEU D 324 23.12 -7.73 -0.91
N LEU D 325 22.24 -8.13 -1.84
CA LEU D 325 20.96 -8.75 -1.47
C LEU D 325 21.15 -10.14 -0.87
N GLN D 326 21.98 -10.97 -1.52
CA GLN D 326 22.43 -12.25 -0.97
C GLN D 326 22.94 -12.09 0.48
N GLY D 327 23.68 -11.00 0.72
CA GLY D 327 24.14 -10.62 2.06
C GLY D 327 23.02 -10.39 3.05
N LEU D 328 21.91 -9.81 2.59
CA LEU D 328 20.71 -9.68 3.41
C LEU D 328 20.00 -11.03 3.64
N LYS D 329 19.89 -11.87 2.61
CA LYS D 329 19.35 -13.25 2.79
C LYS D 329 20.10 -14.00 3.89
N ALA D 330 21.43 -13.94 3.86
CA ALA D 330 22.28 -14.62 4.85
C ALA D 330 22.08 -14.22 6.32
N ILE D 331 21.50 -13.05 6.58
CA ILE D 331 21.19 -12.61 7.95
C ILE D 331 19.69 -12.65 8.23
N GLY D 332 18.94 -13.37 7.40
CA GLY D 332 17.50 -13.55 7.59
C GLY D 332 16.69 -12.28 7.40
N SER D 333 16.94 -11.57 6.31
CA SER D 333 16.34 -10.24 6.08
C SER D 333 16.06 -10.02 4.60
N LYS D 334 15.54 -8.83 4.27
CA LYS D 334 15.20 -8.44 2.89
C LYS D 334 15.49 -6.95 2.70
N ASP D 335 15.45 -6.50 1.44
CA ASP D 335 15.50 -5.06 1.15
C ASP D 335 14.14 -4.45 1.46
N ASP D 336 13.91 -4.16 2.74
CA ASP D 336 12.67 -3.56 3.23
C ASP D 336 12.79 -2.04 3.46
N GLY D 337 13.87 -1.42 2.99
CA GLY D 337 14.11 0.02 3.18
C GLY D 337 14.53 0.51 4.57
N LYS D 338 14.62 -0.39 5.53
CA LYS D 338 14.98 0.01 6.89
C LYS D 338 16.47 0.15 7.14
N LEU D 339 16.91 1.39 7.34
CA LEU D 339 18.28 1.72 7.64
C LEU D 339 18.74 1.20 8.99
N ASP D 340 17.80 1.15 9.93
CA ASP D 340 17.97 0.72 11.32
C ASP D 340 18.89 1.61 12.12
N LEU D 341 18.91 2.89 11.77
CA LEU D 341 19.74 3.85 12.48
C LEU D 341 19.01 4.37 13.70
#